data_8Q9Y
#
_entry.id   8Q9Y
#
_cell.length_a   66.710
_cell.length_b   96.670
_cell.length_c   147.530
_cell.angle_alpha   90.00
_cell.angle_beta   90.00
_cell.angle_gamma   90.00
#
_symmetry.space_group_name_H-M   'P 21 21 21'
#
loop_
_entity.id
_entity.type
_entity.pdbx_description
1 polymer 'Twin-arginine translocation signal domain-containing protein'
2 non-polymer GLYCEROL
3 non-polymer THIOUREA
4 non-polymer 'COPPER (II) ION'
5 water water
#
_entity_poly.entity_id   1
_entity_poly.type   'polypeptide(L)'
_entity_poly.pdbx_seq_one_letter_code
;MGSDKIHHHHHHENLYFQGHMARTTKIEEFYAQFGKYILLVPGKFTGTVAAHDLSTGRTLAWLAGWNYGDTNPIMHHMAA
FPSPDPYKGFEFIVNTQGGKNLFIYGIPTTVKEPGEGFNIYRVRYDGTKFNLVSNIAEKTGLGLGVHVTATPDGKGFAVA
DGQKDIFAEFDLATESVRTAFLVDWKPNNSDLKRAWLEGGTMTITRLKPTLPGGKYDYTGTKGCKIDWELVPGGELFLEE
GKVTGTRQTNVVALDAFVYDPRGRWGALSARLPGVAIIFDRQDWEPVVALVGAKGEPSSLPVKKVASDTWEIKMDKVVTP
AHQAGFSPDGKNFLFMNGVRQNNIMVWDTSNHADPTKWTKKAVVEDPGWRGSYPNTFHMVFTPDGRKVYVTLWWPSPTPN
GIAVVDARNWKLLKSVDIGPDMHTLAITYDGKYVVGVFSGYQKTASGIVIMDTKSDEVVGILPSVGGHHDCVIVPKTVED
LRCSRCTTT
;
_entity_poly.pdbx_strand_id   A,B
#
loop_
_chem_comp.id
_chem_comp.type
_chem_comp.name
_chem_comp.formula
CU non-polymer 'COPPER (II) ION' 'Cu 2'
GOL non-polymer GLYCEROL 'C3 H8 O3'
TOU non-polymer THIOUREA 'C H4 N2 S'
#
# COMPACT_ATOMS: atom_id res chain seq x y z
N GLY A 19 -35.89 2.92 7.82
CA GLY A 19 -35.62 4.40 7.95
C GLY A 19 -34.11 4.57 7.95
N HIS A 20 -33.46 3.43 7.75
CA HIS A 20 -32.01 3.44 7.88
C HIS A 20 -31.28 3.89 6.59
N MET A 21 -31.98 4.07 5.47
CA MET A 21 -31.40 4.47 4.20
C MET A 21 -32.27 5.49 3.48
N ALA A 22 -32.55 6.59 4.20
CA ALA A 22 -33.47 7.63 3.73
C ALA A 22 -32.77 8.72 2.89
N ARG A 23 -31.43 8.85 2.96
CA ARG A 23 -30.62 9.92 2.36
C ARG A 23 -29.17 9.53 2.01
N THR A 24 -28.63 10.12 0.92
CA THR A 24 -27.25 10.18 0.48
C THR A 24 -26.53 11.19 1.40
N THR A 25 -25.28 10.87 1.78
CA THR A 25 -24.47 11.68 2.68
C THR A 25 -23.14 11.97 1.97
N LYS A 26 -22.69 13.22 1.99
CA LYS A 26 -21.35 13.53 1.49
C LYS A 26 -20.37 13.64 2.63
N ILE A 27 -19.11 13.29 2.37
CA ILE A 27 -18.10 13.23 3.39
C ILE A 27 -17.51 14.59 3.72
N GLU A 28 -17.85 15.64 2.97
CA GLU A 28 -17.17 16.92 3.14
C GLU A 28 -17.17 17.41 4.59
N GLU A 29 -18.35 17.39 5.29
CA GLU A 29 -18.35 17.92 6.65
C GLU A 29 -17.42 17.14 7.56
N PHE A 30 -17.30 15.82 7.35
CA PHE A 30 -16.39 15.04 8.15
C PHE A 30 -14.97 15.55 7.99
N TYR A 31 -14.49 15.73 6.77
CA TYR A 31 -13.10 16.16 6.62
C TYR A 31 -12.92 17.61 7.03
N ALA A 32 -13.91 18.45 6.79
CA ALA A 32 -13.80 19.89 7.04
C ALA A 32 -13.47 20.16 8.49
N GLN A 33 -13.95 19.31 9.40
CA GLN A 33 -13.74 19.60 10.82
C GLN A 33 -12.26 19.58 11.24
N PHE A 34 -11.40 18.88 10.46
CA PHE A 34 -10.05 18.62 10.96
C PHE A 34 -9.07 19.76 10.72
N GLY A 35 -9.37 20.66 9.82
CA GLY A 35 -8.39 21.64 9.36
C GLY A 35 -7.40 21.05 8.39
N LYS A 36 -6.41 21.86 8.08
CA LYS A 36 -5.44 21.54 7.04
C LYS A 36 -4.22 20.87 7.67
N TYR A 37 -4.26 19.53 7.69
CA TYR A 37 -3.20 18.71 8.27
C TYR A 37 -2.98 17.52 7.36
N ILE A 38 -1.68 17.17 7.23
CA ILE A 38 -1.23 16.06 6.43
C ILE A 38 -0.71 14.97 7.36
N LEU A 39 -1.27 13.76 7.24
CA LEU A 39 -0.83 12.59 7.96
C LEU A 39 0.15 11.78 7.14
N LEU A 40 1.30 11.46 7.72
CA LEU A 40 2.32 10.66 7.08
C LEU A 40 2.40 9.32 7.79
N VAL A 41 2.48 8.24 7.02
CA VAL A 41 2.55 6.91 7.56
C VAL A 41 3.55 6.03 6.81
N PRO A 42 4.31 5.21 7.53
CA PRO A 42 5.09 4.12 6.95
C PRO A 42 4.21 2.87 6.91
N GLY A 43 4.57 1.88 6.08
CA GLY A 43 3.73 0.70 5.90
C GLY A 43 4.24 -0.58 6.54
N LYS A 44 5.41 -0.63 7.16
CA LYS A 44 5.99 -1.88 7.67
C LYS A 44 6.04 -2.87 6.52
N PHE A 45 5.34 -4.02 6.60
CA PHE A 45 5.47 -5.01 5.54
C PHE A 45 4.89 -4.59 4.20
N THR A 46 4.12 -3.49 4.12
CA THR A 46 3.72 -3.07 2.77
C THR A 46 4.88 -2.47 1.98
N GLY A 47 5.91 -1.95 2.66
CA GLY A 47 7.01 -1.35 1.96
C GLY A 47 6.83 0.08 1.45
N THR A 48 5.72 0.73 1.87
CA THR A 48 5.38 2.05 1.37
C THR A 48 5.55 3.11 2.44
N VAL A 49 5.57 4.37 1.98
CA VAL A 49 5.29 5.53 2.78
C VAL A 49 4.28 6.36 2.05
N ALA A 50 3.43 7.09 2.77
CA ALA A 50 2.31 7.80 2.17
C ALA A 50 1.95 9.02 2.99
N ALA A 51 1.43 10.05 2.30
CA ALA A 51 0.89 11.25 2.91
C ALA A 51 -0.56 11.43 2.54
N HIS A 52 -1.41 11.67 3.53
CA HIS A 52 -2.85 11.82 3.35
C HIS A 52 -3.28 13.20 3.77
N ASP A 53 -4.11 13.82 2.93
CA ASP A 53 -4.66 15.11 3.24
C ASP A 53 -5.95 14.94 4.02
N LEU A 54 -5.93 15.28 5.29
CA LEU A 54 -7.08 15.08 6.13
C LEU A 54 -8.23 16.03 5.78
N SER A 55 -7.93 17.08 4.96
CA SER A 55 -8.97 18.04 4.53
C SER A 55 -9.76 17.57 3.35
N THR A 56 -9.31 16.55 2.62
CA THR A 56 -10.00 16.10 1.41
C THR A 56 -10.17 14.59 1.31
N GLY A 57 -9.41 13.83 2.08
CA GLY A 57 -9.40 12.37 1.93
C GLY A 57 -8.46 11.85 0.86
N ARG A 58 -7.83 12.73 0.12
CA ARG A 58 -6.92 12.28 -0.94
C ARG A 58 -5.61 11.85 -0.33
N THR A 59 -5.00 10.81 -0.90
CA THR A 59 -3.60 10.50 -0.65
C THR A 59 -2.80 11.40 -1.57
N LEU A 60 -1.99 12.28 -0.99
CA LEU A 60 -1.24 13.23 -1.79
C LEU A 60 -0.14 12.58 -2.61
N ALA A 61 0.52 11.57 -2.02
CA ALA A 61 1.66 10.94 -2.65
C ALA A 61 1.99 9.70 -1.82
N TRP A 62 2.60 8.77 -2.51
CA TRP A 62 3.18 7.58 -1.89
C TRP A 62 4.44 7.18 -2.60
N LEU A 63 5.25 6.33 -1.93
CA LEU A 63 6.47 5.79 -2.48
C LEU A 63 6.58 4.36 -2.02
N ALA A 64 7.02 3.51 -2.92
CA ALA A 64 7.23 2.09 -2.67
C ALA A 64 8.69 1.78 -2.78
N GLY A 65 9.33 1.37 -1.66
CA GLY A 65 10.75 1.18 -1.65
C GLY A 65 11.26 0.16 -2.65
N TRP A 66 10.48 -0.91 -2.91
CA TRP A 66 10.98 -1.93 -3.83
C TRP A 66 11.17 -1.38 -5.24
N ASN A 67 10.41 -0.33 -5.60
CA ASN A 67 10.58 0.27 -6.93
C ASN A 67 12.01 0.71 -7.19
N TYR A 68 12.71 1.09 -6.09
CA TYR A 68 14.08 1.63 -6.15
C TYR A 68 15.12 0.53 -5.96
N GLY A 69 14.72 -0.73 -5.85
CA GLY A 69 15.65 -1.84 -5.72
C GLY A 69 15.87 -2.29 -4.30
N ASP A 70 15.16 -1.71 -3.32
CA ASP A 70 15.22 -2.24 -1.94
C ASP A 70 14.31 -3.46 -1.85
N THR A 71 14.92 -4.67 -1.76
CA THR A 71 14.14 -5.92 -1.79
C THR A 71 13.56 -6.30 -0.46
N ASN A 72 13.88 -5.53 0.60
CA ASN A 72 13.32 -5.79 1.92
C ASN A 72 12.96 -4.49 2.62
N PRO A 73 12.03 -3.73 2.03
CA PRO A 73 11.73 -2.38 2.55
C PRO A 73 10.73 -2.43 3.70
N ILE A 74 11.16 -2.95 4.84
CA ILE A 74 10.28 -2.95 6.01
C ILE A 74 10.30 -1.55 6.60
N MET A 75 9.40 -0.69 6.14
CA MET A 75 9.39 0.75 6.45
C MET A 75 8.89 0.94 7.86
N HIS A 76 9.78 1.38 8.76
CA HIS A 76 9.51 1.23 10.19
C HIS A 76 9.08 2.51 10.87
N HIS A 77 10.00 3.46 11.03
CA HIS A 77 9.72 4.68 11.80
C HIS A 77 10.06 5.90 10.96
N MET A 78 9.55 7.05 11.43
CA MET A 78 9.71 8.27 10.66
C MET A 78 9.51 9.49 11.53
N ALA A 79 10.06 10.60 11.08
CA ALA A 79 9.79 11.89 11.68
C ALA A 79 9.85 12.92 10.55
N ALA A 80 8.96 13.92 10.63
CA ALA A 80 8.92 15.02 9.68
C ALA A 80 9.40 16.33 10.29
N PHE A 81 10.00 17.16 9.45
CA PHE A 81 10.57 18.42 9.88
C PHE A 81 9.60 19.56 9.66
N PRO A 82 9.69 20.65 10.44
CA PRO A 82 8.76 21.77 10.25
C PRO A 82 8.89 22.39 8.86
N SER A 83 7.71 22.65 8.26
CA SER A 83 7.62 23.28 6.97
C SER A 83 6.70 24.47 7.06
N PRO A 84 7.05 25.62 6.47
CA PRO A 84 6.12 26.75 6.51
C PRO A 84 4.82 26.49 5.79
N ASP A 85 4.78 25.57 4.84
CA ASP A 85 3.52 25.23 4.16
C ASP A 85 3.64 23.79 3.70
N PRO A 86 3.21 22.83 4.54
CA PRO A 86 3.31 21.41 4.18
C PRO A 86 2.70 21.05 2.83
N TYR A 87 1.65 21.77 2.42
CA TYR A 87 1.02 21.45 1.15
C TYR A 87 1.86 21.81 -0.03
N LYS A 88 2.80 22.75 0.12
CA LYS A 88 3.76 23.06 -0.90
C LYS A 88 5.00 22.22 -0.85
N GLY A 89 5.35 21.67 0.30
CA GLY A 89 6.52 20.84 0.40
C GLY A 89 6.84 20.55 1.86
N PHE A 90 7.52 19.42 2.08
CA PHE A 90 8.04 19.09 3.41
C PHE A 90 9.06 17.96 3.21
N GLU A 91 9.84 17.72 4.26
CA GLU A 91 10.81 16.66 4.28
C GLU A 91 10.61 15.78 5.51
N PHE A 92 11.05 14.53 5.36
CA PHE A 92 11.01 13.57 6.47
C PHE A 92 12.10 12.55 6.29
N ILE A 93 12.36 11.83 7.39
CA ILE A 93 13.23 10.66 7.38
C ILE A 93 12.35 9.45 7.67
N VAL A 94 12.54 8.36 6.90
CA VAL A 94 11.91 7.08 7.21
C VAL A 94 12.99 6.02 7.12
N ASN A 95 12.99 5.07 8.05
CA ASN A 95 13.97 4.00 8.02
C ASN A 95 13.33 2.66 7.75
N THR A 96 14.18 1.66 7.61
CA THR A 96 13.75 0.31 7.38
C THR A 96 14.51 -0.66 8.27
N GLN A 97 13.90 -1.82 8.49
CA GLN A 97 14.57 -2.99 9.02
C GLN A 97 15.07 -3.82 7.86
C GLN A 97 14.83 -3.97 7.87
N GLY A 98 15.58 -5.00 8.14
CA GLY A 98 16.12 -5.88 7.15
C GLY A 98 16.35 -7.27 7.69
N GLY A 99 16.98 -8.08 6.88
CA GLY A 99 17.28 -9.45 7.26
C GLY A 99 16.06 -10.23 7.64
N LYS A 100 16.25 -11.07 8.67
CA LYS A 100 15.26 -12.04 9.09
C LYS A 100 14.07 -11.42 9.81
N ASN A 101 14.04 -10.09 9.94
CA ASN A 101 12.81 -9.40 10.36
C ASN A 101 11.63 -9.69 9.40
N LEU A 102 11.89 -10.11 8.17
CA LEU A 102 10.82 -10.51 7.23
C LEU A 102 10.03 -11.73 7.76
N PHE A 103 10.61 -12.48 8.67
CA PHE A 103 10.12 -13.79 9.02
C PHE A 103 9.35 -13.86 10.31
N ILE A 104 9.07 -12.73 10.97
CA ILE A 104 8.61 -12.79 12.34
C ILE A 104 7.18 -12.32 12.60
N TYR A 105 6.42 -12.11 11.53
CA TYR A 105 5.00 -11.70 11.66
C TYR A 105 4.08 -12.75 11.03
N GLY A 106 4.53 -13.99 10.85
CA GLY A 106 3.67 -15.10 10.46
C GLY A 106 3.28 -15.08 8.99
N ILE A 107 3.95 -14.28 8.13
CA ILE A 107 3.67 -14.32 6.70
C ILE A 107 4.37 -15.55 6.15
N PRO A 108 3.67 -16.45 5.44
CA PRO A 108 4.26 -17.70 5.00
C PRO A 108 5.09 -17.58 3.73
N THR A 109 6.04 -16.65 3.74
CA THR A 109 6.98 -16.44 2.65
C THR A 109 7.95 -17.62 2.58
N THR A 110 8.38 -17.93 1.36
CA THR A 110 9.41 -18.92 1.15
C THR A 110 10.76 -18.30 0.83
N VAL A 111 10.90 -16.97 0.97
CA VAL A 111 12.19 -16.32 0.73
C VAL A 111 13.28 -16.97 1.58
N LYS A 112 14.41 -17.28 0.97
CA LYS A 112 15.49 -17.88 1.71
C LYS A 112 16.39 -16.80 2.27
N GLU A 113 16.88 -15.89 1.42
CA GLU A 113 17.84 -14.90 1.85
C GLU A 113 17.26 -13.50 1.67
N PRO A 114 16.71 -12.95 2.74
CA PRO A 114 16.09 -11.65 2.66
C PRO A 114 17.11 -10.54 2.41
N GLY A 115 16.65 -9.44 1.84
CA GLY A 115 17.49 -8.28 1.62
C GLY A 115 18.04 -7.76 2.95
N GLU A 116 19.22 -7.16 2.91
CA GLU A 116 19.90 -6.68 4.12
C GLU A 116 19.20 -5.51 4.79
N GLY A 117 18.57 -4.62 4.03
CA GLY A 117 17.80 -3.54 4.64
C GLY A 117 18.63 -2.66 5.58
N PHE A 118 17.91 -2.13 6.57
CA PHE A 118 18.46 -1.13 7.53
C PHE A 118 18.89 0.16 6.83
N ASN A 119 18.00 0.64 5.97
CA ASN A 119 18.21 1.90 5.29
C ASN A 119 17.59 3.06 6.08
N ILE A 120 18.09 4.26 5.81
CA ILE A 120 17.59 5.49 6.40
C ILE A 120 17.42 6.46 5.24
N TYR A 121 16.17 6.68 4.88
CA TYR A 121 15.84 7.46 3.67
C TYR A 121 15.41 8.86 4.02
N ARG A 122 15.93 9.83 3.26
CA ARG A 122 15.44 11.21 3.33
C ARG A 122 14.53 11.40 2.12
N VAL A 123 13.31 11.85 2.40
CA VAL A 123 12.27 12.00 1.37
C VAL A 123 11.72 13.41 1.44
N ARG A 124 11.54 14.02 0.26
CA ARG A 124 10.96 15.35 0.16
C ARG A 124 9.71 15.31 -0.69
N TYR A 125 8.60 15.80 -0.13
CA TYR A 125 7.40 16.10 -0.89
C TYR A 125 7.57 17.45 -1.52
N ASP A 126 7.21 17.57 -2.81
CA ASP A 126 7.39 18.82 -3.52
C ASP A 126 6.09 19.51 -3.91
N GLY A 127 4.98 19.14 -3.28
CA GLY A 127 3.68 19.66 -3.63
C GLY A 127 2.94 18.79 -4.64
N THR A 128 3.63 17.80 -5.21
CA THR A 128 3.04 16.87 -6.18
C THR A 128 3.41 15.44 -5.82
N LYS A 129 4.69 15.16 -5.53
CA LYS A 129 5.16 13.79 -5.40
C LYS A 129 6.23 13.74 -4.31
N PHE A 130 6.56 12.54 -3.90
CA PHE A 130 7.74 12.27 -3.10
C PHE A 130 8.98 12.11 -3.97
N ASN A 131 10.10 12.57 -3.42
CA ASN A 131 11.40 12.47 -4.06
C ASN A 131 12.32 11.80 -3.05
N LEU A 132 12.92 10.68 -3.45
CA LEU A 132 13.91 9.99 -2.62
C LEU A 132 15.21 10.74 -2.76
N VAL A 133 15.57 11.52 -1.73
CA VAL A 133 16.69 12.43 -1.81
C VAL A 133 18.00 11.71 -1.58
N SER A 134 18.05 10.88 -0.52
CA SER A 134 19.31 10.28 -0.11
C SER A 134 19.03 9.06 0.76
N ASN A 135 20.04 8.19 0.83
CA ASN A 135 20.09 7.09 1.77
C ASN A 135 21.20 7.38 2.75
N ILE A 136 20.80 7.92 3.90
CA ILE A 136 21.76 8.35 4.90
C ILE A 136 22.50 7.15 5.50
N ALA A 137 21.90 5.96 5.51
CA ALA A 137 22.63 4.77 5.97
C ALA A 137 23.80 4.46 5.07
N GLU A 138 23.59 4.53 3.77
CA GLU A 138 24.67 4.25 2.85
C GLU A 138 25.76 5.30 3.00
N LYS A 139 25.38 6.56 3.21
CA LYS A 139 26.38 7.63 3.30
C LYS A 139 27.21 7.50 4.58
N THR A 140 26.58 7.19 5.69
CA THR A 140 27.22 7.23 6.99
C THR A 140 27.72 5.90 7.49
N GLY A 141 27.21 4.81 6.93
CA GLY A 141 27.51 3.45 7.41
C GLY A 141 26.73 2.98 8.63
N LEU A 142 25.74 3.77 9.05
CA LEU A 142 24.90 3.43 10.19
C LEU A 142 23.57 2.94 9.72
N GLY A 143 23.38 1.63 9.72
CA GLY A 143 22.09 1.01 9.38
C GLY A 143 21.34 0.78 10.68
N LEU A 144 20.34 1.61 10.97
CA LEU A 144 19.63 1.62 12.24
C LEU A 144 18.14 1.59 11.95
N GLY A 145 17.43 0.65 12.59
CA GLY A 145 16.08 0.29 12.15
C GLY A 145 14.92 0.55 13.08
N VAL A 146 15.13 1.21 14.21
CA VAL A 146 14.04 1.47 15.15
C VAL A 146 13.68 2.98 15.15
N HIS A 147 13.41 3.61 16.30
CA HIS A 147 12.75 4.91 16.20
C HIS A 147 13.61 5.98 15.58
N VAL A 148 12.92 6.82 14.83
CA VAL A 148 13.44 8.06 14.24
C VAL A 148 12.77 9.22 14.97
N THR A 149 13.56 10.17 15.47
CA THR A 149 13.03 11.34 16.15
C THR A 149 13.70 12.57 15.63
N ALA A 150 12.88 13.62 15.38
CA ALA A 150 13.44 14.91 15.01
C ALA A 150 13.96 15.60 16.28
N THR A 151 15.04 16.38 16.11
CA THR A 151 15.48 17.23 17.22
C THR A 151 14.51 18.38 17.39
N PRO A 152 14.51 19.03 18.58
CA PRO A 152 13.55 20.10 18.82
C PRO A 152 13.67 21.30 17.90
N ASP A 153 14.86 21.56 17.33
CA ASP A 153 15.02 22.65 16.38
C ASP A 153 14.63 22.25 14.95
N GLY A 154 14.32 20.99 14.71
CA GLY A 154 13.96 20.55 13.39
C GLY A 154 15.11 20.47 12.38
N LYS A 155 16.36 20.50 12.85
CA LYS A 155 17.51 20.55 11.97
C LYS A 155 18.43 19.32 12.13
N GLY A 156 18.00 18.35 12.90
CA GLY A 156 18.68 17.07 13.06
C GLY A 156 17.69 16.00 13.41
N PHE A 157 18.19 14.78 13.57
CA PHE A 157 17.32 13.67 13.93
C PHE A 157 18.18 12.57 14.54
N ALA A 158 17.53 11.71 15.33
CA ALA A 158 18.18 10.56 15.91
C ALA A 158 17.53 9.30 15.37
N VAL A 159 18.31 8.22 15.33
CA VAL A 159 17.80 6.89 15.04
C VAL A 159 18.43 5.93 16.02
N ALA A 160 17.65 4.98 16.52
CA ALA A 160 18.14 3.94 17.41
C ALA A 160 17.85 2.58 16.80
N ASP A 161 18.56 1.56 17.29
CA ASP A 161 18.33 0.18 16.86
C ASP A 161 18.45 -0.79 18.02
N GLY A 162 17.46 -1.69 18.17
CA GLY A 162 17.39 -2.63 19.26
C GLY A 162 17.87 -4.01 18.97
N GLN A 163 18.42 -4.26 17.78
CA GLN A 163 19.19 -5.49 17.54
C GLN A 163 20.70 -5.23 17.67
N LYS A 164 21.11 -4.03 17.25
CA LYS A 164 22.52 -3.65 17.31
C LYS A 164 22.86 -2.90 18.60
N ASP A 165 21.85 -2.31 19.23
CA ASP A 165 22.02 -1.44 20.40
C ASP A 165 22.95 -0.27 20.13
N ILE A 166 22.67 0.40 19.04
CA ILE A 166 23.35 1.61 18.66
C ILE A 166 22.32 2.70 18.49
N PHE A 167 22.69 3.93 18.84
CA PHE A 167 21.92 5.09 18.38
C PHE A 167 22.87 6.14 17.89
N ALA A 168 22.33 7.06 17.10
CA ALA A 168 23.10 8.17 16.58
C ALA A 168 22.20 9.37 16.43
N GLU A 169 22.81 10.55 16.53
CA GLU A 169 22.17 11.80 16.12
C GLU A 169 22.88 12.30 14.88
N PHE A 170 22.07 12.77 13.91
CA PHE A 170 22.53 13.20 12.59
C PHE A 170 22.19 14.67 12.38
N ASP A 171 23.03 15.36 11.65
CA ASP A 171 22.77 16.71 11.16
C ASP A 171 22.02 16.59 9.83
N LEU A 172 20.88 17.27 9.70
CA LEU A 172 20.13 17.15 8.49
C LEU A 172 20.84 17.78 7.31
N ALA A 173 21.34 19.01 7.45
CA ALA A 173 21.90 19.75 6.33
C ALA A 173 23.04 19.03 5.67
N THR A 174 23.92 18.45 6.47
CA THR A 174 25.12 17.82 5.95
C THR A 174 24.99 16.30 5.90
N GLU A 175 23.91 15.74 6.43
CA GLU A 175 23.75 14.29 6.45
C GLU A 175 24.91 13.59 7.14
N SER A 176 25.38 14.19 8.21
CA SER A 176 26.56 13.72 8.94
C SER A 176 26.18 13.26 10.33
N VAL A 177 27.05 12.39 10.85
CA VAL A 177 26.86 11.86 12.21
C VAL A 177 27.41 12.83 13.21
N ARG A 178 26.58 13.31 14.12
CA ARG A 178 27.03 14.12 15.25
C ARG A 178 27.61 13.27 16.35
N THR A 179 27.00 12.12 16.63
CA THR A 179 27.44 11.19 17.63
C THR A 179 26.85 9.86 17.37
N ALA A 180 27.51 8.82 17.83
CA ALA A 180 26.98 7.46 17.82
C ALA A 180 27.46 6.75 19.07
N PHE A 181 26.60 5.95 19.65
CA PHE A 181 26.93 5.17 20.85
C PHE A 181 26.47 3.74 20.71
N LEU A 182 27.25 2.81 21.28
CA LEU A 182 26.91 1.42 21.48
C LEU A 182 26.63 1.18 22.93
N VAL A 183 25.59 0.42 23.22
CA VAL A 183 25.24 0.05 24.58
C VAL A 183 25.26 -1.47 24.67
N ASP A 184 25.90 -2.00 25.71
CA ASP A 184 26.05 -3.44 25.87
C ASP A 184 25.63 -3.84 27.28
N TRP A 185 25.14 -5.08 27.40
CA TRP A 185 24.81 -5.69 28.66
C TRP A 185 25.79 -6.79 29.00
N LYS A 186 26.29 -6.77 30.24
CA LYS A 186 27.09 -7.85 30.78
C LYS A 186 26.28 -8.46 31.92
N PRO A 187 25.63 -9.62 31.71
CA PRO A 187 24.73 -10.14 32.73
C PRO A 187 25.47 -10.69 33.94
N ASN A 188 24.84 -10.56 35.10
CA ASN A 188 25.38 -11.22 36.30
C ASN A 188 25.21 -12.73 36.19
N ASN A 189 24.09 -13.18 35.64
CA ASN A 189 23.82 -14.61 35.49
C ASN A 189 23.85 -14.87 33.99
N SER A 190 24.67 -15.83 33.56
CA SER A 190 24.90 -16.11 32.16
C SER A 190 23.74 -16.91 31.57
N ASP A 191 22.86 -17.49 32.40
CA ASP A 191 21.72 -18.22 31.92
C ASP A 191 20.74 -17.24 31.28
N LEU A 192 20.37 -17.50 30.04
CA LEU A 192 19.49 -16.64 29.28
C LEU A 192 18.22 -16.27 30.05
N LYS A 193 17.63 -17.22 30.77
CA LYS A 193 16.39 -16.96 31.48
C LYS A 193 16.56 -15.87 32.51
N ARG A 194 17.76 -15.79 33.12
CA ARG A 194 18.00 -14.91 34.28
C ARG A 194 18.97 -13.79 33.93
N ALA A 195 19.33 -13.60 32.66
CA ALA A 195 20.38 -12.67 32.26
C ALA A 195 20.02 -11.23 32.57
N TRP A 196 18.72 -10.92 32.63
CA TRP A 196 18.28 -9.57 32.97
C TRP A 196 17.75 -9.55 34.40
N LEU A 197 16.89 -10.49 34.78
CA LEU A 197 16.28 -10.49 36.10
C LEU A 197 17.31 -10.32 37.21
N GLU A 198 18.47 -11.00 37.08
CA GLU A 198 19.48 -10.95 38.15
C GLU A 198 20.51 -9.85 37.94
N GLY A 199 20.22 -8.89 37.07
CA GLY A 199 21.02 -7.70 36.97
C GLY A 199 22.23 -7.84 36.07
N GLY A 200 23.03 -6.79 36.07
CA GLY A 200 24.18 -6.75 35.20
C GLY A 200 24.75 -5.36 35.16
N THR A 201 25.70 -5.20 34.23
CA THR A 201 26.36 -3.93 33.99
C THR A 201 26.04 -3.52 32.56
N MET A 202 25.55 -2.26 32.43
CA MET A 202 25.36 -1.70 31.12
C MET A 202 26.54 -0.80 30.80
N THR A 203 27.21 -1.05 29.65
CA THR A 203 28.34 -0.25 29.22
C THR A 203 27.88 0.61 28.06
N ILE A 204 28.22 1.86 28.09
CA ILE A 204 27.89 2.83 27.06
C ILE A 204 29.21 3.30 26.44
N THR A 205 29.39 3.13 25.14
CA THR A 205 30.63 3.46 24.48
CA THR A 205 30.64 3.50 24.52
C THR A 205 30.34 4.46 23.39
N ARG A 206 31.08 5.57 23.36
CA ARG A 206 31.01 6.50 22.24
C ARG A 206 31.77 5.88 21.09
N LEU A 207 31.12 5.67 19.94
CA LEU A 207 31.77 5.07 18.83
C LEU A 207 32.58 6.07 18.04
N LYS A 208 33.59 5.57 17.34
CA LYS A 208 34.38 6.34 16.38
C LYS A 208 34.24 5.62 15.06
N PRO A 209 34.16 6.34 13.93
CA PRO A 209 34.09 5.64 12.65
C PRO A 209 35.39 4.91 12.39
N THR A 210 35.28 3.80 11.68
CA THR A 210 36.41 2.93 11.37
C THR A 210 36.79 2.87 9.90
N LEU A 211 35.97 3.44 9.04
CA LEU A 211 36.17 3.29 7.60
C LEU A 211 36.46 4.66 6.99
N PRO A 212 37.02 4.73 5.78
CA PRO A 212 37.33 6.02 5.18
C PRO A 212 36.12 6.90 5.03
N GLY A 213 36.38 8.21 5.05
CA GLY A 213 35.35 9.21 4.91
C GLY A 213 34.54 9.36 6.17
N GLY A 214 35.10 8.98 7.32
CA GLY A 214 34.38 9.07 8.59
C GLY A 214 33.16 8.16 8.63
N LYS A 215 33.22 7.03 7.94
CA LYS A 215 32.11 6.10 7.85
C LYS A 215 32.19 5.01 8.91
N TYR A 216 31.01 4.62 9.38
CA TYR A 216 30.86 3.52 10.33
C TYR A 216 30.68 2.23 9.55
N ASP A 217 30.90 1.11 10.26
CA ASP A 217 30.87 -0.21 9.69
C ASP A 217 29.66 -1.00 10.18
N TYR A 218 28.46 -0.46 9.93
CA TYR A 218 27.22 -1.02 10.47
C TYR A 218 26.11 -1.03 9.41
N THR A 219 26.47 -1.24 8.14
CA THR A 219 25.47 -1.29 7.08
C THR A 219 24.73 -2.62 7.15
N GLY A 220 23.47 -2.59 6.73
CA GLY A 220 22.71 -3.81 6.61
C GLY A 220 22.55 -4.47 7.95
N THR A 221 22.73 -5.79 7.99
CA THR A 221 22.59 -6.55 9.24
C THR A 221 23.85 -6.53 10.08
N LYS A 222 24.92 -5.85 9.64
CA LYS A 222 26.16 -5.85 10.37
C LYS A 222 25.95 -5.19 11.74
N GLY A 223 26.40 -5.90 12.78
CA GLY A 223 26.29 -5.42 14.14
C GLY A 223 25.15 -6.03 14.93
N CYS A 224 24.26 -6.80 14.29
CA CYS A 224 23.13 -7.32 15.01
C CYS A 224 23.58 -8.37 16.06
N LYS A 225 23.11 -8.19 17.28
CA LYS A 225 23.33 -9.17 18.37
C LYS A 225 22.32 -10.30 18.34
N ILE A 226 21.15 -10.00 17.77
CA ILE A 226 20.06 -10.92 17.60
C ILE A 226 19.58 -10.75 16.16
N ASP A 227 19.04 -11.87 15.64
CA ASP A 227 18.75 -12.00 14.21
C ASP A 227 17.49 -11.30 13.75
N TRP A 228 16.60 -10.90 14.69
CA TRP A 228 15.42 -10.15 14.35
C TRP A 228 15.08 -9.34 15.59
N GLU A 229 14.23 -8.33 15.40
CA GLU A 229 13.78 -7.45 16.45
C GLU A 229 12.96 -8.20 17.48
N LEU A 230 12.91 -7.59 18.68
CA LEU A 230 11.91 -7.94 19.69
C LEU A 230 10.62 -7.25 19.31
N VAL A 231 9.63 -8.03 18.85
CA VAL A 231 8.37 -7.52 18.33
C VAL A 231 7.57 -6.85 19.43
N PRO A 232 6.53 -6.10 19.05
CA PRO A 232 5.67 -5.49 20.05
C PRO A 232 5.14 -6.53 21.00
N GLY A 233 5.32 -6.28 22.33
CA GLY A 233 4.90 -7.15 23.41
C GLY A 233 5.74 -8.36 23.57
N GLY A 234 6.87 -8.42 22.86
CA GLY A 234 7.74 -9.57 22.81
C GLY A 234 9.09 -9.42 23.49
N GLU A 235 9.23 -8.42 24.34
CA GLU A 235 10.49 -8.20 25.05
C GLU A 235 11.03 -9.48 25.66
N LEU A 236 10.20 -10.31 26.27
CA LEU A 236 10.65 -11.47 27.04
C LEU A 236 10.90 -12.66 26.14
N PHE A 237 10.66 -12.54 24.81
CA PHE A 237 10.91 -13.67 23.95
C PHE A 237 12.38 -14.10 23.94
N LEU A 238 13.24 -13.12 24.16
CA LEU A 238 14.68 -13.41 24.18
C LEU A 238 15.05 -14.33 25.34
N GLU A 239 14.59 -14.01 26.55
CA GLU A 239 14.92 -14.82 27.72
C GLU A 239 14.35 -16.22 27.58
N GLU A 240 13.31 -16.42 26.74
CA GLU A 240 12.60 -17.69 26.54
C GLU A 240 13.28 -18.61 25.49
N GLY A 241 14.36 -18.19 24.81
CA GLY A 241 15.02 -18.94 23.75
C GLY A 241 14.32 -18.86 22.42
N LYS A 242 13.45 -17.84 22.25
CA LYS A 242 12.69 -17.71 21.03
C LYS A 242 13.33 -16.79 20.01
N VAL A 243 14.46 -16.20 20.34
CA VAL A 243 15.15 -15.26 19.46
C VAL A 243 16.57 -15.71 19.24
N THR A 244 16.97 -16.02 18.00
CA THR A 244 18.35 -16.45 17.73
C THR A 244 19.28 -15.24 17.67
N GLY A 245 20.55 -15.52 17.82
CA GLY A 245 21.55 -14.48 17.66
C GLY A 245 22.88 -14.91 18.22
N THR A 246 23.90 -14.12 17.96
CA THR A 246 25.26 -14.45 18.39
C THR A 246 25.61 -13.82 19.75
N ARG A 247 24.86 -12.79 20.18
CA ARG A 247 25.15 -12.11 21.45
C ARG A 247 23.87 -11.87 22.25
N GLN A 248 23.11 -12.99 22.41
CA GLN A 248 21.76 -12.90 23.00
C GLN A 248 21.74 -12.28 24.38
N THR A 249 22.69 -12.66 25.24
CA THR A 249 22.67 -12.19 26.62
C THR A 249 23.31 -10.80 26.80
N ASN A 250 23.75 -10.19 25.68
CA ASN A 250 24.37 -8.88 25.73
C ASN A 250 23.43 -7.78 25.20
N VAL A 251 22.20 -8.14 24.85
CA VAL A 251 21.20 -7.21 24.32
C VAL A 251 20.64 -6.35 25.43
N VAL A 252 20.47 -5.06 25.11
CA VAL A 252 19.64 -4.16 25.91
C VAL A 252 18.37 -3.72 25.17
N ALA A 253 18.33 -3.87 23.84
CA ALA A 253 17.19 -3.49 23.01
C ALA A 253 16.94 -1.99 23.14
N LEU A 254 17.91 -1.19 22.69
CA LEU A 254 17.66 0.24 22.54
C LEU A 254 16.45 0.45 21.66
N ASP A 255 15.72 1.54 21.91
CA ASP A 255 14.48 1.76 21.16
C ASP A 255 14.40 3.12 20.55
N ALA A 256 14.61 4.18 21.34
CA ALA A 256 14.41 5.55 20.87
C ALA A 256 15.29 6.49 21.63
N PHE A 257 15.59 7.62 21.01
CA PHE A 257 16.22 8.77 21.67
C PHE A 257 15.22 9.92 21.57
N VAL A 258 14.50 10.14 22.66
CA VAL A 258 13.47 11.18 22.70
C VAL A 258 14.04 12.45 23.33
N TYR A 259 13.51 13.59 22.91
CA TYR A 259 14.13 14.87 23.22
C TYR A 259 13.35 15.66 24.22
N ASP A 260 14.06 16.27 25.17
CA ASP A 260 13.51 17.28 26.03
C ASP A 260 13.20 18.52 25.19
N PRO A 261 11.93 18.96 25.13
CA PRO A 261 11.58 20.12 24.29
C PRO A 261 12.26 21.40 24.73
N ARG A 262 12.79 21.43 25.95
CA ARG A 262 13.53 22.61 26.43
C ARG A 262 14.97 22.63 25.94
N GLY A 263 15.38 21.58 25.25
CA GLY A 263 16.72 21.46 24.75
C GLY A 263 17.67 20.75 25.68
N ARG A 264 18.86 20.57 25.18
CA ARG A 264 20.05 20.03 25.85
C ARG A 264 19.98 18.51 26.08
N TRP A 265 18.88 17.98 26.63
CA TRP A 265 18.84 16.60 27.07
C TRP A 265 18.09 15.74 26.07
N GLY A 266 18.49 14.48 26.01
CA GLY A 266 17.73 13.43 25.35
C GLY A 266 17.71 12.20 26.24
N ALA A 267 16.68 11.37 26.07
CA ALA A 267 16.50 10.15 26.82
C ALA A 267 16.55 8.95 25.88
N LEU A 268 17.50 8.04 26.11
CA LEU A 268 17.66 6.83 25.34
C LEU A 268 16.98 5.67 26.07
N SER A 269 15.95 5.11 25.47
CA SER A 269 15.28 4.00 26.08
C SER A 269 15.98 2.69 25.75
N ALA A 270 16.12 1.87 26.81
CA ALA A 270 16.70 0.53 26.72
C ALA A 270 15.67 -0.44 27.28
N ARG A 271 15.04 -1.23 26.39
CA ARG A 271 13.86 -1.99 26.79
C ARG A 271 14.13 -3.06 27.82
N LEU A 272 15.19 -3.86 27.62
CA LEU A 272 15.36 -5.02 28.50
C LEU A 272 15.79 -4.67 29.91
N PRO A 273 16.67 -3.69 30.14
CA PRO A 273 16.98 -3.24 31.51
C PRO A 273 15.91 -2.33 32.06
N GLY A 274 14.99 -1.86 31.22
CA GLY A 274 14.00 -0.92 31.68
C GLY A 274 14.58 0.38 32.18
N VAL A 275 15.48 0.93 31.42
CA VAL A 275 16.16 2.15 31.80
C VAL A 275 16.07 3.16 30.68
N ALA A 276 15.98 4.44 31.07
CA ALA A 276 16.10 5.56 30.14
C ALA A 276 17.36 6.34 30.51
N ILE A 277 18.33 6.33 29.61
CA ILE A 277 19.63 6.97 29.88
C ILE A 277 19.59 8.39 29.36
N ILE A 278 19.80 9.36 30.26
CA ILE A 278 19.77 10.75 29.87
C ILE A 278 21.13 11.16 29.37
N PHE A 279 21.19 11.77 28.19
CA PHE A 279 22.39 12.29 27.58
C PHE A 279 22.37 13.81 27.51
N ASP A 280 23.56 14.40 27.75
CA ASP A 280 23.81 15.81 27.45
C ASP A 280 24.23 15.91 26.00
N ARG A 281 23.37 16.53 25.18
CA ARG A 281 23.65 16.70 23.77
C ARG A 281 24.76 17.71 23.48
N GLN A 282 25.07 18.54 24.48
CA GLN A 282 26.05 19.60 24.27
C GLN A 282 27.48 19.10 24.48
N ASP A 283 27.71 18.02 25.22
CA ASP A 283 29.00 17.41 25.34
C ASP A 283 28.98 15.89 25.00
N TRP A 284 27.90 15.39 24.57
CA TRP A 284 27.72 14.01 24.26
C TRP A 284 28.25 13.04 25.30
N GLU A 285 27.57 13.09 26.43
CA GLU A 285 27.90 12.17 27.53
C GLU A 285 26.60 11.77 28.21
N PRO A 286 26.49 10.51 28.67
CA PRO A 286 25.37 10.13 29.50
C PRO A 286 25.56 10.74 30.88
N VAL A 287 24.46 11.13 31.55
CA VAL A 287 24.50 11.81 32.83
C VAL A 287 23.80 11.08 33.96
N VAL A 288 22.74 10.33 33.67
CA VAL A 288 22.02 9.61 34.71
C VAL A 288 21.20 8.55 34.01
N ALA A 289 20.78 7.51 34.74
CA ALA A 289 19.89 6.48 34.22
C ALA A 289 18.62 6.43 35.03
N LEU A 290 17.49 6.69 34.38
CA LEU A 290 16.21 6.54 35.06
C LEU A 290 15.79 5.09 34.99
N VAL A 291 15.27 4.55 36.13
CA VAL A 291 14.88 3.17 36.25
C VAL A 291 13.36 3.04 36.19
N GLY A 292 12.81 2.36 35.18
CA GLY A 292 11.37 2.36 35.03
C GLY A 292 10.54 1.73 36.12
N ALA A 293 11.01 0.56 36.64
CA ALA A 293 10.10 -0.31 37.37
C ALA A 293 9.53 0.38 38.59
N LYS A 294 8.24 0.16 38.83
CA LYS A 294 7.64 0.55 40.08
C LYS A 294 8.29 -0.21 41.23
N GLY A 295 8.62 0.55 42.28
CA GLY A 295 9.24 0.08 43.49
C GLY A 295 10.74 0.16 43.47
N GLU A 296 11.31 0.51 42.33
CA GLU A 296 12.76 0.66 42.20
C GLU A 296 13.10 2.15 42.36
N PRO A 297 14.38 2.49 42.53
CA PRO A 297 14.81 3.87 42.68
C PRO A 297 14.41 4.69 41.42
N SER A 298 14.37 6.00 41.63
CA SER A 298 14.14 6.93 40.53
C SER A 298 15.22 6.80 39.47
N SER A 299 16.48 6.63 39.90
CA SER A 299 17.60 6.66 39.00
C SER A 299 18.77 5.90 39.57
N LEU A 300 19.75 5.67 38.72
CA LEU A 300 21.06 5.13 39.06
C LEU A 300 22.10 6.03 38.46
N PRO A 301 23.28 6.12 39.11
CA PRO A 301 24.35 6.96 38.56
C PRO A 301 25.01 6.31 37.36
N VAL A 302 25.57 7.18 36.53
CA VAL A 302 26.40 6.77 35.43
C VAL A 302 27.83 7.10 35.76
N LYS A 303 28.72 6.12 35.70
CA LYS A 303 30.13 6.33 36.05
C LYS A 303 30.98 6.26 34.79
N LYS A 304 31.86 7.26 34.63
CA LYS A 304 32.82 7.28 33.54
C LYS A 304 33.97 6.36 33.92
N VAL A 305 34.26 5.40 33.08
CA VAL A 305 35.32 4.45 33.34
C VAL A 305 36.48 4.55 32.34
N ALA A 306 36.32 5.27 31.23
CA ALA A 306 37.37 5.56 30.24
C ALA A 306 36.94 6.80 29.46
N SER A 307 37.81 7.36 28.57
CA SER A 307 37.48 8.61 27.86
C SER A 307 36.17 8.56 27.07
N ASP A 308 35.84 7.35 26.63
CA ASP A 308 34.67 7.09 25.77
C ASP A 308 33.71 6.06 26.35
N THR A 309 33.83 5.73 27.64
CA THR A 309 33.09 4.63 28.18
C THR A 309 32.50 4.94 29.53
N TRP A 310 31.22 4.59 29.72
CA TRP A 310 30.49 4.78 30.96
C TRP A 310 29.80 3.48 31.33
N GLU A 311 29.49 3.30 32.62
CA GLU A 311 28.81 2.13 33.13
C GLU A 311 27.64 2.52 34.03
N ILE A 312 26.62 1.66 34.03
CA ILE A 312 25.52 1.64 34.97
C ILE A 312 25.46 0.23 35.53
N LYS A 313 25.32 0.10 36.85
CA LYS A 313 25.27 -1.19 37.52
C LYS A 313 23.87 -1.43 38.09
N MET A 314 23.30 -2.60 37.78
CA MET A 314 21.98 -2.95 38.27
C MET A 314 22.02 -4.27 39.00
N ASP A 315 21.50 -4.31 40.22
CA ASP A 315 21.41 -5.59 40.95
C ASP A 315 20.29 -6.49 40.45
N LYS A 316 19.27 -5.94 39.79
CA LYS A 316 18.14 -6.69 39.29
C LYS A 316 17.50 -5.86 38.18
N VAL A 317 16.73 -6.52 37.34
CA VAL A 317 15.80 -5.83 36.45
C VAL A 317 14.41 -6.43 36.72
N VAL A 318 13.52 -5.62 37.23
CA VAL A 318 12.18 -6.05 37.61
C VAL A 318 11.27 -6.33 36.43
N THR A 319 11.28 -5.43 35.44
CA THR A 319 10.43 -5.53 34.29
C THR A 319 11.10 -4.80 33.14
N PRO A 320 10.85 -5.24 31.90
CA PRO A 320 11.21 -4.42 30.75
C PRO A 320 10.28 -3.20 30.69
N ALA A 321 10.71 -2.24 29.84
CA ALA A 321 9.88 -1.08 29.55
C ALA A 321 10.08 -0.77 28.06
N HIS A 322 9.23 0.13 27.49
CA HIS A 322 9.36 0.39 26.07
C HIS A 322 9.11 1.86 25.77
N GLN A 323 7.87 2.27 25.54
CA GLN A 323 7.65 3.59 24.98
C GLN A 323 8.01 4.68 25.98
N ALA A 324 8.44 5.85 25.50
CA ALA A 324 8.98 6.86 26.36
C ALA A 324 8.68 8.26 25.77
N GLY A 325 8.57 9.25 26.66
CA GLY A 325 8.34 10.61 26.14
C GLY A 325 8.34 11.71 27.21
N PHE A 326 8.67 12.92 26.78
CA PHE A 326 8.50 14.12 27.56
C PHE A 326 7.18 14.80 27.24
N SER A 327 6.60 15.43 28.28
CA SER A 327 5.46 16.32 28.04
C SER A 327 5.92 17.58 27.28
N PRO A 328 4.95 18.32 26.69
CA PRO A 328 5.33 19.43 25.84
C PRO A 328 6.14 20.52 26.52
N ASP A 329 5.90 20.73 27.82
CA ASP A 329 6.68 21.67 28.62
C ASP A 329 8.00 21.12 29.16
N GLY A 330 8.25 19.82 28.93
CA GLY A 330 9.50 19.21 29.40
C GLY A 330 9.56 18.95 30.89
N LYS A 331 8.47 19.16 31.63
CA LYS A 331 8.54 19.06 33.06
C LYS A 331 8.14 17.67 33.58
N ASN A 332 7.66 16.80 32.69
CA ASN A 332 7.38 15.41 32.99
C ASN A 332 8.07 14.53 31.97
N PHE A 333 8.51 13.34 32.42
CA PHE A 333 9.01 12.28 31.56
C PHE A 333 8.25 11.03 31.89
N LEU A 334 7.80 10.32 30.87
CA LEU A 334 7.05 9.09 30.98
C LEU A 334 7.86 7.94 30.41
N PHE A 335 7.72 6.78 31.05
CA PHE A 335 8.30 5.53 30.55
C PHE A 335 7.30 4.39 30.83
N MET A 336 6.98 3.62 29.79
CA MET A 336 5.94 2.58 29.93
C MET A 336 6.61 1.24 30.32
N ASN A 337 6.39 0.83 31.56
CA ASN A 337 6.79 -0.54 31.95
C ASN A 337 5.84 -1.51 31.27
N GLY A 338 6.35 -2.68 30.84
CA GLY A 338 5.49 -3.69 30.20
C GLY A 338 5.75 -5.11 30.69
N VAL A 339 4.69 -5.88 30.52
CA VAL A 339 4.66 -7.32 30.65
C VAL A 339 4.76 -7.74 32.11
N ARG A 340 5.90 -7.58 32.80
CA ARG A 340 5.99 -7.92 34.21
C ARG A 340 5.27 -6.91 35.08
N GLN A 341 5.25 -5.63 34.63
CA GLN A 341 4.35 -4.57 35.12
C GLN A 341 3.85 -3.87 33.90
N ASN A 342 2.57 -3.45 33.87
CA ASN A 342 2.03 -2.62 32.81
C ASN A 342 1.53 -1.34 33.46
N ASN A 343 2.30 -0.26 33.24
CA ASN A 343 1.94 0.99 33.89
C ASN A 343 2.61 2.14 33.16
N ILE A 344 2.31 3.37 33.59
CA ILE A 344 2.96 4.55 33.08
C ILE A 344 3.75 5.19 34.22
N MET A 345 5.08 5.15 34.16
CA MET A 345 5.88 5.73 35.20
C MET A 345 6.20 7.19 34.83
N VAL A 346 6.11 8.07 35.84
CA VAL A 346 6.23 9.51 35.58
C VAL A 346 7.29 10.12 36.49
N TRP A 347 8.25 10.87 35.92
CA TRP A 347 9.23 11.62 36.65
C TRP A 347 8.95 13.11 36.55
N ASP A 348 9.28 13.79 37.65
CA ASP A 348 9.39 15.23 37.70
C ASP A 348 10.75 15.67 37.16
N THR A 349 10.72 16.20 35.92
CA THR A 349 11.87 16.68 35.20
C THR A 349 11.93 18.20 35.16
N SER A 350 11.26 18.85 36.12
CA SER A 350 11.20 20.30 36.11
C SER A 350 12.57 20.97 36.22
N ASN A 351 13.53 20.32 36.89
CA ASN A 351 14.87 20.89 37.01
C ASN A 351 15.67 20.70 35.72
N HIS A 352 15.64 21.72 34.84
CA HIS A 352 16.31 21.59 33.55
C HIS A 352 17.82 21.65 33.67
N ALA A 353 18.32 22.15 34.82
CA ALA A 353 19.75 22.27 35.00
C ALA A 353 20.44 20.93 35.30
N ASP A 354 19.72 19.98 35.93
CA ASP A 354 20.39 18.85 36.57
C ASP A 354 19.51 17.60 36.56
N PRO A 355 19.62 16.76 35.50
CA PRO A 355 18.82 15.53 35.42
C PRO A 355 19.08 14.54 36.55
N THR A 356 20.23 14.67 37.28
CA THR A 356 20.42 13.76 38.39
C THR A 356 19.39 14.02 39.51
N LYS A 357 18.68 15.15 39.45
CA LYS A 357 17.63 15.48 40.40
C LYS A 357 16.23 15.06 39.94
N TRP A 358 16.12 14.43 38.79
CA TRP A 358 14.81 14.01 38.29
C TRP A 358 14.31 12.82 39.11
N THR A 359 13.10 12.93 39.64
CA THR A 359 12.58 11.95 40.58
C THR A 359 11.19 11.47 40.19
N LYS A 360 10.88 10.21 40.54
CA LYS A 360 9.55 9.67 40.28
C LYS A 360 8.49 10.48 41.02
N LYS A 361 7.41 10.82 40.35
CA LYS A 361 6.34 11.60 40.94
C LYS A 361 4.98 10.91 40.89
N ALA A 362 4.76 9.98 39.97
CA ALA A 362 3.44 9.34 39.86
C ALA A 362 3.63 8.04 39.09
N VAL A 363 2.64 7.13 39.21
CA VAL A 363 2.56 5.96 38.36
C VAL A 363 1.08 5.81 38.05
N VAL A 364 0.78 5.59 36.78
CA VAL A 364 -0.60 5.31 36.37
C VAL A 364 -0.72 3.81 36.28
N GLU A 365 -1.69 3.24 36.99
CA GLU A 365 -1.95 1.81 37.04
C GLU A 365 -3.45 1.63 36.90
N ASP A 366 -3.83 0.38 36.64
CA ASP A 366 -5.27 0.05 36.55
C ASP A 366 -5.44 -1.43 36.82
N PRO A 367 -6.56 -1.84 37.48
CA PRO A 367 -6.79 -3.24 37.73
C PRO A 367 -6.85 -4.06 36.45
N GLY A 368 -7.29 -3.42 35.36
CA GLY A 368 -7.39 -4.07 34.08
C GLY A 368 -6.05 -4.27 33.37
N TRP A 369 -4.98 -3.77 33.95
CA TRP A 369 -3.64 -3.88 33.36
C TRP A 369 -2.75 -4.89 34.10
N ARG A 370 -3.36 -5.72 34.93
CA ARG A 370 -2.61 -6.64 35.76
C ARG A 370 -2.09 -7.91 35.10
N GLY A 371 -2.66 -8.28 33.95
CA GLY A 371 -2.17 -9.44 33.23
C GLY A 371 -0.89 -9.09 32.49
N SER A 372 -0.42 -10.03 31.66
CA SER A 372 0.72 -9.74 30.82
C SER A 372 0.45 -8.60 29.83
N TYR A 373 -0.80 -8.54 29.37
CA TYR A 373 -1.30 -7.54 28.44
C TYR A 373 -2.54 -6.95 29.05
N PRO A 374 -2.94 -5.71 28.69
CA PRO A 374 -2.32 -4.82 27.65
C PRO A 374 -1.05 -4.24 28.16
N ASN A 375 -0.23 -3.84 27.19
CA ASN A 375 0.90 -3.02 27.45
C ASN A 375 0.51 -1.56 27.20
N THR A 376 0.87 -0.67 28.14
CA THR A 376 0.82 0.76 27.90
C THR A 376 1.83 1.06 26.79
N PHE A 377 1.45 1.80 25.78
CA PHE A 377 2.20 1.77 24.52
C PHE A 377 2.47 3.23 24.09
N HIS A 378 2.34 3.53 22.80
CA HIS A 378 2.67 4.81 22.21
C HIS A 378 1.83 5.90 22.82
N MET A 379 2.29 7.15 22.72
CA MET A 379 1.56 8.24 23.37
C MET A 379 1.58 9.49 22.50
N VAL A 380 0.67 10.41 22.86
CA VAL A 380 0.73 11.78 22.40
C VAL A 380 0.05 12.66 23.47
N PHE A 381 0.68 13.82 23.75
CA PHE A 381 0.11 14.80 24.64
C PHE A 381 -0.71 15.84 23.86
N THR A 382 -1.71 16.38 24.54
CA THR A 382 -2.30 17.62 24.03
C THR A 382 -1.28 18.75 24.10
N PRO A 383 -1.35 19.75 23.20
CA PRO A 383 -0.41 20.85 23.24
C PRO A 383 -0.33 21.55 24.57
N ASP A 384 -1.47 21.67 25.26
CA ASP A 384 -1.54 22.34 26.56
C ASP A 384 -1.09 21.44 27.70
N GLY A 385 -0.71 20.20 27.42
CA GLY A 385 -0.24 19.31 28.45
C GLY A 385 -1.28 18.70 29.38
N ARG A 386 -2.58 19.01 29.18
CA ARG A 386 -3.61 18.60 30.10
C ARG A 386 -3.89 17.10 30.08
N LYS A 387 -3.76 16.49 28.89
CA LYS A 387 -4.09 15.06 28.73
C LYS A 387 -2.97 14.38 27.93
N VAL A 388 -2.83 13.09 28.15
CA VAL A 388 -2.00 12.28 27.31
C VAL A 388 -2.81 11.05 26.92
N TYR A 389 -2.74 10.72 25.64
CA TYR A 389 -3.38 9.57 25.04
C TYR A 389 -2.34 8.47 24.90
N VAL A 390 -2.70 7.25 25.31
CA VAL A 390 -1.75 6.14 25.37
C VAL A 390 -2.38 4.92 24.76
N THR A 391 -1.75 4.34 23.78
CA THR A 391 -2.29 3.11 23.21
C THR A 391 -2.15 1.95 24.19
N LEU A 392 -3.10 1.02 24.06
CA LEU A 392 -3.16 -0.22 24.85
C LEU A 392 -3.06 -1.38 23.88
N TRP A 393 -1.89 -2.03 23.90
CA TRP A 393 -1.57 -3.09 22.94
C TRP A 393 -1.82 -4.47 23.53
N TRP A 394 -2.39 -5.36 22.70
CA TRP A 394 -2.55 -6.74 23.05
C TRP A 394 -2.21 -7.58 21.85
N PRO A 395 -1.80 -8.85 22.04
CA PRO A 395 -1.73 -9.80 20.95
C PRO A 395 -3.13 -10.12 20.49
N SER A 396 -3.20 -10.75 19.30
CA SER A 396 -4.47 -11.23 18.80
C SER A 396 -5.06 -12.19 19.81
N PRO A 397 -6.39 -12.26 20.01
CA PRO A 397 -7.39 -11.52 19.22
C PRO A 397 -8.06 -10.37 20.00
N THR A 398 -7.49 -9.93 21.13
CA THR A 398 -8.16 -8.95 21.96
C THR A 398 -8.16 -7.58 21.30
N PRO A 399 -9.30 -6.87 21.19
CA PRO A 399 -9.28 -5.53 20.64
C PRO A 399 -8.30 -4.64 21.39
N ASN A 400 -7.46 -3.93 20.64
CA ASN A 400 -6.57 -2.94 21.19
C ASN A 400 -7.26 -1.61 21.31
N GLY A 401 -6.69 -0.70 22.09
CA GLY A 401 -7.40 0.53 22.35
C GLY A 401 -6.55 1.74 22.64
N ILE A 402 -7.25 2.75 23.11
CA ILE A 402 -6.65 4.01 23.53
C ILE A 402 -7.11 4.34 24.93
N ALA A 403 -6.15 4.63 25.81
CA ALA A 403 -6.38 5.16 27.13
C ALA A 403 -6.23 6.68 27.11
N VAL A 404 -7.11 7.37 27.84
CA VAL A 404 -7.06 8.80 27.98
C VAL A 404 -6.67 9.08 29.43
N VAL A 405 -5.55 9.76 29.62
CA VAL A 405 -4.99 9.98 30.93
C VAL A 405 -4.97 11.46 31.23
N ASP A 406 -5.37 11.80 32.47
CA ASP A 406 -5.20 13.16 33.00
C ASP A 406 -3.74 13.39 33.37
N ALA A 407 -3.08 14.30 32.62
CA ALA A 407 -1.62 14.50 32.72
C ALA A 407 -1.27 15.62 33.70
N ARG A 408 -2.24 15.99 34.55
CA ARG A 408 -1.96 16.89 35.67
C ARG A 408 -2.04 16.09 36.97
N ASN A 409 -3.06 15.24 37.12
CA ASN A 409 -3.25 14.42 38.30
C ASN A 409 -2.82 12.96 38.12
N TRP A 410 -2.50 12.54 36.86
CA TRP A 410 -1.97 11.21 36.55
C TRP A 410 -2.95 10.12 36.96
N LYS A 411 -4.17 10.26 36.39
CA LYS A 411 -5.28 9.34 36.57
C LYS A 411 -5.84 8.92 35.23
N LEU A 412 -6.21 7.65 35.10
CA LEU A 412 -6.91 7.16 33.91
C LEU A 412 -8.30 7.76 33.89
N LEU A 413 -8.69 8.36 32.77
CA LEU A 413 -10.02 8.90 32.58
C LEU A 413 -10.94 7.98 31.82
N LYS A 414 -10.44 7.31 30.80
CA LYS A 414 -11.31 6.56 29.87
C LYS A 414 -10.43 5.56 29.13
N SER A 415 -11.02 4.46 28.66
CA SER A 415 -10.38 3.53 27.76
C SER A 415 -11.39 3.19 26.67
N VAL A 416 -10.94 3.17 25.42
CA VAL A 416 -11.80 2.93 24.25
C VAL A 416 -11.18 1.85 23.38
N ASP A 417 -11.98 0.85 22.96
CA ASP A 417 -11.51 -0.15 22.03
C ASP A 417 -11.54 0.37 20.59
N ILE A 418 -10.54 -0.01 19.82
CA ILE A 418 -10.37 0.44 18.42
C ILE A 418 -10.31 -0.74 17.44
N GLY A 419 -9.34 -1.61 17.57
CA GLY A 419 -9.08 -2.60 16.53
C GLY A 419 -7.82 -3.39 16.86
N PRO A 420 -7.42 -4.31 16.00
CA PRO A 420 -6.25 -5.13 16.27
C PRO A 420 -4.96 -4.38 16.08
N ASP A 421 -3.98 -4.61 16.98
CA ASP A 421 -2.60 -4.18 16.77
C ASP A 421 -2.55 -2.66 16.63
N MET A 422 -2.88 -1.95 17.72
CA MET A 422 -2.84 -0.50 17.74
C MET A 422 -1.39 -0.05 17.92
N HIS A 423 -0.99 0.99 17.14
CA HIS A 423 0.35 1.57 17.26
C HIS A 423 0.26 3.03 17.66
N THR A 424 0.80 3.93 16.86
CA THR A 424 1.09 5.30 17.25
C THR A 424 -0.12 6.19 17.20
N LEU A 425 0.07 7.31 17.93
CA LEU A 425 -0.85 8.41 17.99
C LEU A 425 -0.15 9.69 17.61
N ALA A 426 -0.80 10.53 16.83
CA ALA A 426 -0.42 11.89 16.55
C ALA A 426 -1.57 12.79 16.95
N ILE A 427 -1.35 14.08 16.96
CA ILE A 427 -2.40 15.02 17.27
C ILE A 427 -2.30 16.21 16.33
N THR A 428 -3.47 16.68 15.86
CA THR A 428 -3.46 17.93 15.13
C THR A 428 -2.96 19.05 16.04
N TYR A 429 -2.25 20.03 15.46
CA TYR A 429 -1.43 20.91 16.27
C TYR A 429 -2.23 22.00 16.99
N ASP A 430 -3.50 22.12 16.62
CA ASP A 430 -4.45 22.91 17.40
C ASP A 430 -5.04 22.13 18.57
N GLY A 431 -4.59 20.87 18.79
CA GLY A 431 -5.04 20.05 19.90
C GLY A 431 -6.40 19.39 19.76
N LYS A 432 -7.06 19.50 18.59
CA LYS A 432 -8.46 19.11 18.51
C LYS A 432 -8.72 17.63 18.19
N TYR A 433 -7.80 16.96 17.49
CA TYR A 433 -8.04 15.58 17.06
C TYR A 433 -6.78 14.75 17.24
N VAL A 434 -6.93 13.59 17.84
CA VAL A 434 -5.89 12.57 17.84
C VAL A 434 -6.10 11.67 16.63
N VAL A 435 -5.02 11.35 15.98
CA VAL A 435 -5.05 10.48 14.79
C VAL A 435 -4.11 9.33 15.08
N GLY A 436 -4.61 8.10 14.99
CA GLY A 436 -3.82 6.93 15.28
C GLY A 436 -3.91 5.91 14.17
N VAL A 437 -3.11 4.87 14.30
CA VAL A 437 -3.08 3.80 13.32
C VAL A 437 -3.12 2.48 14.01
N PHE A 438 -3.82 1.50 13.37
CA PHE A 438 -3.79 0.10 13.77
C PHE A 438 -3.48 -0.73 12.54
N SER A 439 -2.88 -1.93 12.75
CA SER A 439 -1.96 -2.44 11.74
C SER A 439 -2.09 -3.94 11.51
N GLY A 440 -3.05 -4.60 12.16
CA GLY A 440 -3.43 -5.98 11.81
C GLY A 440 -2.35 -7.02 11.99
N TYR A 441 -1.31 -6.79 12.78
CA TYR A 441 -0.23 -7.77 12.87
C TYR A 441 0.31 -8.10 11.49
N GLN A 442 0.30 -7.12 10.57
CA GLN A 442 0.79 -7.31 9.20
C GLN A 442 -0.08 -8.28 8.35
N LYS A 443 -1.29 -8.63 8.81
CA LYS A 443 -2.10 -9.64 8.10
C LYS A 443 -3.60 -9.45 8.20
N THR A 444 -4.11 -8.80 9.23
CA THR A 444 -5.55 -8.59 9.35
C THR A 444 -5.89 -7.10 9.30
N ALA A 445 -6.97 -6.72 9.96
CA ALA A 445 -7.56 -5.41 9.75
C ALA A 445 -6.61 -4.28 10.16
N SER A 446 -6.65 -3.21 9.36
CA SER A 446 -5.79 -2.04 9.53
C SER A 446 -6.62 -0.81 9.24
N GLY A 447 -6.16 0.36 9.74
CA GLY A 447 -6.92 1.57 9.52
C GLY A 447 -6.26 2.76 10.21
N ILE A 448 -6.83 3.92 9.89
CA ILE A 448 -6.53 5.19 10.52
C ILE A 448 -7.72 5.56 11.36
N VAL A 449 -7.51 5.86 12.64
CA VAL A 449 -8.56 6.21 13.55
C VAL A 449 -8.43 7.67 13.99
N ILE A 450 -9.54 8.36 14.10
CA ILE A 450 -9.53 9.75 14.50
C ILE A 450 -10.42 9.94 15.70
N MET A 451 -9.93 10.63 16.73
CA MET A 451 -10.65 10.84 17.98
C MET A 451 -10.71 12.33 18.31
N ASP A 452 -11.89 12.81 18.66
CA ASP A 452 -12.10 14.20 19.11
C ASP A 452 -11.60 14.34 20.57
N THR A 453 -10.70 15.29 20.82
CA THR A 453 -10.13 15.43 22.15
C THR A 453 -11.04 16.12 23.14
N LYS A 454 -12.11 16.76 22.66
CA LYS A 454 -13.05 17.38 23.58
C LYS A 454 -13.94 16.32 24.22
N SER A 455 -14.52 15.47 23.39
CA SER A 455 -15.40 14.40 23.85
C SER A 455 -14.69 13.08 24.17
N ASP A 456 -13.48 12.93 23.66
CA ASP A 456 -12.74 11.65 23.73
C ASP A 456 -13.49 10.51 23.05
N GLU A 457 -14.19 10.86 21.95
CA GLU A 457 -14.90 9.88 21.17
C GLU A 457 -14.27 9.70 19.81
N VAL A 458 -14.25 8.44 19.35
CA VAL A 458 -13.82 8.16 17.98
C VAL A 458 -14.82 8.77 17.01
N VAL A 459 -14.33 9.55 16.06
CA VAL A 459 -15.20 10.11 15.04
C VAL A 459 -15.20 9.31 13.77
N GLY A 460 -14.16 8.51 13.53
CA GLY A 460 -14.23 7.64 12.37
C GLY A 460 -12.95 6.88 12.16
N ILE A 461 -13.07 5.82 11.33
CA ILE A 461 -11.95 5.05 10.79
C ILE A 461 -11.94 5.29 9.29
N LEU A 462 -10.72 5.48 8.75
CA LEU A 462 -10.44 5.54 7.32
C LEU A 462 -9.62 4.32 6.94
N PRO A 463 -9.78 3.88 5.67
CA PRO A 463 -9.03 2.69 5.24
C PRO A 463 -7.53 3.00 5.17
N SER A 464 -6.75 1.97 5.35
CA SER A 464 -5.29 2.12 5.30
C SER A 464 -4.63 0.82 4.93
N VAL A 465 -3.98 0.79 3.76
CA VAL A 465 -3.16 -0.36 3.38
C VAL A 465 -1.80 -0.12 4.01
N GLY A 466 -1.62 -0.65 5.18
CA GLY A 466 -0.43 -0.38 5.94
C GLY A 466 -0.37 -1.27 7.20
N GLY A 467 0.88 -1.58 7.51
CA GLY A 467 1.26 -2.25 8.76
C GLY A 467 1.92 -1.31 9.73
N HIS A 468 1.76 0.00 9.52
CA HIS A 468 2.37 1.11 10.23
C HIS A 468 2.58 0.90 11.71
N HIS A 469 3.84 1.07 12.09
CA HIS A 469 4.23 1.23 13.49
C HIS A 469 4.51 2.67 13.83
N ASP A 470 4.20 3.63 12.94
CA ASP A 470 4.41 5.04 13.20
C ASP A 470 3.37 5.81 12.44
N CYS A 471 3.33 7.12 12.79
CA CYS A 471 2.55 8.11 12.09
C CYS A 471 2.92 9.46 12.63
N VAL A 472 2.89 10.48 11.76
CA VAL A 472 3.14 11.86 12.13
C VAL A 472 2.20 12.74 11.38
N ILE A 473 1.89 13.89 11.97
CA ILE A 473 1.26 14.99 11.26
C ILE A 473 2.34 15.98 10.90
N VAL A 474 2.43 16.40 9.65
CA VAL A 474 3.52 17.26 9.25
C VAL A 474 3.46 18.58 10.01
N PRO A 475 4.52 18.94 10.74
CA PRO A 475 4.48 20.17 11.55
C PRO A 475 4.83 21.40 10.70
N LYS A 476 4.38 22.56 11.22
CA LYS A 476 4.73 23.85 10.62
C LYS A 476 5.84 24.54 11.41
N THR A 477 5.94 24.29 12.71
CA THR A 477 6.86 25.07 13.56
C THR A 477 7.56 24.12 14.54
N VAL A 478 8.60 24.68 15.19
CA VAL A 478 9.24 23.92 16.26
C VAL A 478 8.32 23.77 17.45
N GLU A 479 7.34 24.63 17.64
CA GLU A 479 6.41 24.42 18.74
C GLU A 479 5.58 23.16 18.51
N ASP A 480 5.21 22.90 17.23
CA ASP A 480 4.49 21.69 16.90
C ASP A 480 5.25 20.40 17.25
N LEU A 481 6.60 20.46 17.11
CA LEU A 481 7.41 19.28 17.40
C LEU A 481 7.25 18.82 18.84
N ARG A 482 6.85 19.72 19.75
CA ARG A 482 6.63 19.34 21.14
C ARG A 482 5.60 18.25 21.32
N CYS A 483 4.69 18.11 20.34
CA CYS A 483 3.68 17.06 20.31
C CYS A 483 3.78 16.21 19.04
N SER A 484 5.01 15.98 18.57
CA SER A 484 5.25 15.13 17.41
C SER A 484 6.32 14.09 17.75
N ARG A 485 6.93 13.56 16.69
CA ARG A 485 7.88 12.47 16.81
C ARG A 485 9.27 13.11 17.04
N CYS A 486 9.39 13.58 18.28
CA CYS A 486 10.53 14.39 18.75
C CYS A 486 10.64 14.15 20.25
N THR A 487 9.55 14.52 20.96
CA THR A 487 9.46 14.40 22.41
C THR A 487 9.02 13.01 22.87
N THR A 488 8.28 12.24 22.06
CA THR A 488 7.74 10.97 22.47
C THR A 488 7.80 10.02 21.31
N THR A 489 7.72 8.73 21.66
CA THR A 489 7.35 7.66 20.70
C THR A 489 5.82 7.43 20.65
N ARG B 23 -18.76 22.03 16.20
CA ARG B 23 -19.45 20.71 16.00
C ARG B 23 -18.46 19.68 15.45
N THR B 24 -18.50 18.49 16.03
CA THR B 24 -17.75 17.40 15.47
C THR B 24 -18.72 16.62 14.60
N THR B 25 -18.16 15.89 13.66
CA THR B 25 -18.97 15.08 12.76
C THR B 25 -18.38 13.67 12.77
N LYS B 26 -19.25 12.66 12.91
CA LYS B 26 -18.82 11.26 12.81
C LYS B 26 -19.06 10.72 11.41
N ILE B 27 -18.21 9.77 10.98
CA ILE B 27 -18.31 9.18 9.66
C ILE B 27 -19.39 8.11 9.50
N GLU B 28 -20.02 7.68 10.59
CA GLU B 28 -20.91 6.53 10.52
C GLU B 28 -21.99 6.68 9.46
N GLU B 29 -22.64 7.83 9.39
CA GLU B 29 -23.73 7.97 8.44
C GLU B 29 -23.21 7.91 7.00
N PHE B 30 -22.00 8.41 6.75
CA PHE B 30 -21.41 8.31 5.43
C PHE B 30 -21.28 6.84 5.06
N TYR B 31 -20.68 6.00 5.91
CA TYR B 31 -20.52 4.59 5.55
C TYR B 31 -21.87 3.85 5.52
N ALA B 32 -22.80 4.21 6.39
CA ALA B 32 -24.06 3.47 6.57
C ALA B 32 -24.93 3.47 5.30
C ALA B 32 -24.86 3.39 5.26
N GLN B 33 -24.68 4.44 4.43
CA GLN B 33 -25.46 4.61 3.21
C GLN B 33 -25.12 3.53 2.18
N PHE B 34 -23.99 2.89 2.31
CA PHE B 34 -23.54 1.94 1.32
C PHE B 34 -24.04 0.51 1.49
N GLY B 35 -24.37 0.08 2.68
CA GLY B 35 -24.63 -1.37 2.69
C GLY B 35 -23.32 -2.14 2.63
N LYS B 36 -23.42 -3.46 2.69
CA LYS B 36 -22.30 -4.28 3.11
C LYS B 36 -21.61 -4.78 1.86
N TYR B 37 -20.58 -4.03 1.48
CA TYR B 37 -19.78 -4.31 0.29
C TYR B 37 -18.32 -4.14 0.59
N ILE B 38 -17.52 -5.06 0.00
CA ILE B 38 -16.08 -5.09 0.13
C ILE B 38 -15.47 -4.70 -1.20
N LEU B 39 -14.61 -3.68 -1.16
CA LEU B 39 -13.86 -3.23 -2.33
C LEU B 39 -12.48 -3.86 -2.29
N LEU B 40 -12.13 -4.51 -3.41
CA LEU B 40 -10.85 -5.12 -3.57
CA LEU B 40 -10.83 -5.13 -3.62
C LEU B 40 -10.04 -4.31 -4.60
N VAL B 41 -8.78 -4.03 -4.27
CA VAL B 41 -7.92 -3.25 -5.14
C VAL B 41 -6.52 -3.80 -5.23
N PRO B 42 -5.92 -3.79 -6.43
CA PRO B 42 -4.51 -4.00 -6.57
C PRO B 42 -3.78 -2.67 -6.44
N GLY B 43 -2.49 -2.68 -6.17
CA GLY B 43 -1.75 -1.46 -5.91
C GLY B 43 -0.83 -1.01 -7.02
N LYS B 44 -0.67 -1.75 -8.12
CA LYS B 44 0.25 -1.42 -9.21
C LYS B 44 1.65 -1.24 -8.58
N PHE B 45 2.28 -0.07 -8.65
CA PHE B 45 3.65 0.05 -8.12
C PHE B 45 3.76 -0.11 -6.63
N THR B 46 2.67 -0.08 -5.87
CA THR B 46 2.83 -0.40 -4.45
C THR B 46 3.11 -1.88 -4.21
N GLY B 47 2.73 -2.74 -5.11
CA GLY B 47 2.94 -4.16 -4.91
C GLY B 47 1.96 -4.85 -4.01
N THR B 48 0.87 -4.19 -3.62
CA THR B 48 -0.09 -4.75 -2.68
C THR B 48 -1.40 -5.14 -3.35
N VAL B 49 -2.16 -5.93 -2.63
CA VAL B 49 -3.59 -6.07 -2.84
C VAL B 49 -4.28 -5.87 -1.50
N ALA B 50 -5.49 -5.36 -1.52
CA ALA B 50 -6.18 -5.01 -0.27
C ALA B 50 -7.66 -5.09 -0.47
N ALA B 51 -8.35 -5.37 0.65
CA ALA B 51 -9.82 -5.37 0.70
C ALA B 51 -10.29 -4.41 1.77
N HIS B 52 -11.25 -3.56 1.39
CA HIS B 52 -11.74 -2.52 2.28
C HIS B 52 -13.21 -2.77 2.54
N ASP B 53 -13.64 -2.64 3.80
CA ASP B 53 -15.03 -2.78 4.18
C ASP B 53 -15.72 -1.42 4.09
N LEU B 54 -16.57 -1.23 3.08
CA LEU B 54 -17.22 0.07 2.87
C LEU B 54 -18.27 0.40 3.92
N SER B 55 -18.62 -0.60 4.78
CA SER B 55 -19.54 -0.37 5.88
C SER B 55 -18.90 0.20 7.13
N THR B 56 -17.57 0.09 7.28
CA THR B 56 -16.88 0.51 8.48
C THR B 56 -15.67 1.41 8.21
N GLY B 57 -15.13 1.41 6.99
CA GLY B 57 -13.89 2.14 6.72
C GLY B 57 -12.64 1.33 7.02
N ARG B 58 -12.79 0.13 7.58
CA ARG B 58 -11.60 -0.66 7.93
C ARG B 58 -11.07 -1.34 6.66
N THR B 59 -9.75 -1.48 6.61
CA THR B 59 -9.13 -2.36 5.66
C THR B 59 -9.13 -3.74 6.29
N LEU B 60 -9.81 -4.71 5.65
CA LEU B 60 -9.93 -6.04 6.22
C LEU B 60 -8.65 -6.83 6.21
N ALA B 61 -7.86 -6.68 5.12
CA ALA B 61 -6.66 -7.44 4.93
C ALA B 61 -5.90 -6.81 3.76
N TRP B 62 -4.61 -7.04 3.77
CA TRP B 62 -3.78 -6.72 2.62
C TRP B 62 -2.66 -7.72 2.53
N LEU B 63 -2.03 -7.76 1.35
CA LEU B 63 -0.88 -8.63 1.05
C LEU B 63 0.08 -7.86 0.23
N ALA B 64 1.37 -7.99 0.52
CA ALA B 64 2.43 -7.33 -0.19
C ALA B 64 3.26 -8.37 -0.92
N GLY B 65 3.26 -8.29 -2.25
CA GLY B 65 3.86 -9.32 -3.04
C GLY B 65 5.37 -9.50 -2.81
N TRP B 66 6.07 -8.40 -2.54
CA TRP B 66 7.49 -8.50 -2.30
C TRP B 66 7.81 -9.35 -1.08
N ASN B 67 6.89 -9.44 -0.11
CA ASN B 67 7.16 -10.26 1.07
C ASN B 67 7.41 -11.71 0.69
N TYR B 68 6.80 -12.13 -0.40
CA TYR B 68 6.86 -13.51 -0.90
C TYR B 68 8.03 -13.73 -1.86
N GLY B 69 8.83 -12.73 -2.13
CA GLY B 69 9.97 -12.90 -2.99
C GLY B 69 9.71 -12.45 -4.41
N ASP B 70 8.51 -11.94 -4.72
CA ASP B 70 8.28 -11.37 -6.04
C ASP B 70 8.96 -10.01 -6.05
N THR B 71 10.05 -9.87 -6.80
CA THR B 71 10.81 -8.63 -6.72
C THR B 71 10.33 -7.54 -7.64
N ASN B 72 9.32 -7.81 -8.47
CA ASN B 72 8.73 -6.80 -9.33
C ASN B 72 7.22 -6.96 -9.32
N PRO B 73 6.60 -6.85 -8.16
CA PRO B 73 5.17 -7.16 -8.01
C PRO B 73 4.28 -6.01 -8.48
N ILE B 74 4.27 -5.76 -9.79
CA ILE B 74 3.40 -4.74 -10.33
C ILE B 74 2.00 -5.37 -10.39
N MET B 75 1.26 -5.27 -9.29
CA MET B 75 -0.04 -5.92 -9.10
C MET B 75 -1.04 -5.21 -9.99
N HIS B 76 -1.58 -5.94 -10.99
CA HIS B 76 -2.19 -5.28 -12.12
C HIS B 76 -3.72 -5.40 -12.17
N HIS B 77 -4.20 -6.54 -12.65
CA HIS B 77 -5.63 -6.71 -12.84
C HIS B 77 -6.12 -7.87 -11.98
N MET B 78 -7.46 -7.90 -11.77
CA MET B 78 -8.01 -8.87 -10.86
C MET B 78 -9.49 -9.08 -11.16
N ALA B 79 -9.97 -10.24 -10.72
CA ALA B 79 -11.39 -10.51 -10.71
C ALA B 79 -11.67 -11.41 -9.50
N ALA B 80 -12.83 -11.19 -8.88
CA ALA B 80 -13.27 -11.98 -7.75
C ALA B 80 -14.43 -12.86 -8.13
N PHE B 81 -14.56 -13.98 -7.42
CA PHE B 81 -15.61 -14.97 -7.69
C PHE B 81 -16.75 -14.80 -6.70
N PRO B 82 -17.95 -15.27 -7.07
CA PRO B 82 -19.06 -15.15 -6.13
C PRO B 82 -18.81 -15.91 -4.84
N SER B 83 -19.17 -15.27 -3.74
CA SER B 83 -19.08 -15.84 -2.40
C SER B 83 -20.43 -15.70 -1.72
N PRO B 84 -20.94 -16.73 -1.06
CA PRO B 84 -22.23 -16.57 -0.36
C PRO B 84 -22.18 -15.49 0.72
N ASP B 85 -20.99 -15.31 1.34
CA ASP B 85 -20.82 -14.30 2.38
C ASP B 85 -19.40 -13.79 2.31
N PRO B 86 -19.16 -12.70 1.54
CA PRO B 86 -17.80 -12.17 1.39
C PRO B 86 -17.07 -11.89 2.70
N TYR B 87 -17.85 -11.50 3.74
CA TYR B 87 -17.22 -11.17 5.00
C TYR B 87 -16.65 -12.37 5.74
N LYS B 88 -17.13 -13.58 5.39
CA LYS B 88 -16.61 -14.82 5.92
C LYS B 88 -15.50 -15.42 5.05
N GLY B 89 -15.47 -15.01 3.80
CA GLY B 89 -14.42 -15.50 2.93
C GLY B 89 -14.77 -15.22 1.47
N PHE B 90 -13.71 -15.13 0.64
CA PHE B 90 -13.88 -14.99 -0.81
C PHE B 90 -12.54 -15.30 -1.45
N GLU B 91 -12.59 -15.45 -2.77
CA GLU B 91 -11.41 -15.76 -3.56
C GLU B 91 -11.32 -14.83 -4.77
N PHE B 92 -10.10 -14.64 -5.25
CA PHE B 92 -9.86 -13.79 -6.43
C PHE B 92 -8.58 -14.22 -7.09
N ILE B 93 -8.42 -13.77 -8.34
CA ILE B 93 -7.19 -13.84 -9.09
C ILE B 93 -6.65 -12.44 -9.26
N VAL B 94 -5.34 -12.25 -9.05
CA VAL B 94 -4.67 -11.01 -9.37
C VAL B 94 -3.41 -11.33 -10.11
N ASN B 95 -3.09 -10.61 -11.19
CA ASN B 95 -1.86 -10.85 -11.92
C ASN B 95 -0.89 -9.69 -11.75
N THR B 96 0.29 -9.88 -12.30
CA THR B 96 1.34 -8.87 -12.26
C THR B 96 1.94 -8.70 -13.65
N GLN B 97 2.54 -7.53 -13.84
CA GLN B 97 3.45 -7.28 -14.93
C GLN B 97 4.86 -7.16 -14.37
C GLN B 97 4.87 -7.57 -14.48
N GLY B 98 5.82 -7.24 -15.31
CA GLY B 98 7.22 -7.33 -15.02
C GLY B 98 8.07 -6.69 -16.08
N GLY B 99 9.36 -6.90 -15.97
CA GLY B 99 10.27 -6.32 -16.92
C GLY B 99 10.20 -4.82 -16.92
N LYS B 100 10.34 -4.27 -18.14
CA LYS B 100 10.45 -2.85 -18.34
C LYS B 100 9.15 -2.07 -18.13
N ASN B 101 8.07 -2.78 -17.78
CA ASN B 101 6.91 -2.06 -17.25
C ASN B 101 7.26 -1.24 -16.01
N LEU B 102 8.34 -1.60 -15.31
CA LEU B 102 8.77 -0.82 -14.14
C LEU B 102 9.22 0.59 -14.54
N PHE B 103 9.57 0.83 -15.80
CA PHE B 103 10.29 2.00 -16.25
C PHE B 103 9.45 3.00 -16.98
N ILE B 104 8.14 2.82 -17.04
CA ILE B 104 7.31 3.68 -17.91
C ILE B 104 6.51 4.72 -17.18
N TYR B 105 6.70 4.89 -15.86
CA TYR B 105 5.93 5.82 -15.07
C TYR B 105 6.78 6.93 -14.50
N GLY B 106 8.02 7.12 -15.00
CA GLY B 106 8.81 8.30 -14.61
C GLY B 106 9.42 8.17 -13.21
N ILE B 107 9.36 7.01 -12.56
CA ILE B 107 10.02 6.85 -11.25
C ILE B 107 11.53 6.77 -11.48
N PRO B 108 12.34 7.58 -10.77
CA PRO B 108 13.78 7.62 -11.07
C PRO B 108 14.55 6.51 -10.37
N THR B 109 14.15 5.27 -10.65
CA THR B 109 14.80 4.08 -10.13
C THR B 109 16.12 3.85 -10.84
N THR B 110 17.07 3.28 -10.09
CA THR B 110 18.35 2.88 -10.65
C THR B 110 18.39 1.37 -10.92
N VAL B 111 17.26 0.66 -10.73
CA VAL B 111 17.22 -0.76 -11.00
C VAL B 111 17.56 -0.98 -12.47
N LYS B 112 18.53 -1.90 -12.69
CA LYS B 112 18.94 -2.17 -14.08
C LYS B 112 18.24 -3.36 -14.67
N GLU B 113 18.01 -4.38 -13.83
CA GLU B 113 17.45 -5.63 -14.29
C GLU B 113 16.19 -5.97 -13.48
N PRO B 114 15.03 -5.48 -13.92
CA PRO B 114 13.81 -5.69 -13.17
C PRO B 114 13.43 -7.17 -13.10
N GLY B 115 12.73 -7.56 -12.05
CA GLY B 115 12.15 -8.89 -11.95
C GLY B 115 11.26 -9.16 -13.15
N GLU B 116 11.21 -10.43 -13.54
CA GLU B 116 10.47 -10.84 -14.73
C GLU B 116 8.98 -10.70 -14.60
N GLY B 117 8.42 -10.94 -13.42
CA GLY B 117 7.00 -10.77 -13.23
C GLY B 117 6.15 -11.69 -14.11
N PHE B 118 4.96 -11.18 -14.45
CA PHE B 118 3.93 -11.92 -15.17
C PHE B 118 3.41 -13.11 -14.38
N ASN B 119 3.20 -12.90 -13.07
CA ASN B 119 2.61 -13.92 -12.21
C ASN B 119 1.09 -13.80 -12.26
N ILE B 120 0.45 -14.91 -11.91
CA ILE B 120 -1.02 -14.96 -11.80
C ILE B 120 -1.34 -15.65 -10.47
N TYR B 121 -1.77 -14.89 -9.50
CA TYR B 121 -1.93 -15.38 -8.15
C TYR B 121 -3.37 -15.63 -7.81
N ARG B 122 -3.65 -16.76 -7.14
CA ARG B 122 -4.93 -17.04 -6.53
C ARG B 122 -4.84 -16.73 -5.06
N VAL B 123 -5.76 -15.90 -4.59
CA VAL B 123 -5.75 -15.40 -3.23
C VAL B 123 -7.10 -15.68 -2.60
N ARG B 124 -7.10 -16.10 -1.33
CA ARG B 124 -8.30 -16.32 -0.61
C ARG B 124 -8.31 -15.50 0.66
N TYR B 125 -9.39 -14.77 0.89
CA TYR B 125 -9.67 -14.16 2.17
C TYR B 125 -10.43 -15.16 3.04
N ASP B 126 -10.00 -15.33 4.29
CA ASP B 126 -10.57 -16.36 5.14
C ASP B 126 -11.40 -15.79 6.28
N GLY B 127 -11.75 -14.50 6.20
CA GLY B 127 -12.44 -13.83 7.30
C GLY B 127 -11.54 -13.04 8.22
N THR B 128 -10.24 -13.28 8.11
CA THR B 128 -9.20 -12.63 8.91
C THR B 128 -8.06 -12.07 8.06
N LYS B 129 -7.60 -12.83 7.09
CA LYS B 129 -6.39 -12.49 6.38
C LYS B 129 -6.51 -13.01 4.93
N PHE B 130 -5.59 -12.53 4.10
CA PHE B 130 -5.36 -13.11 2.78
C PHE B 130 -4.40 -14.27 2.87
N ASN B 131 -4.65 -15.26 2.00
CA ASN B 131 -3.84 -16.43 1.84
C ASN B 131 -3.46 -16.55 0.39
N LEU B 132 -2.17 -16.58 0.12
CA LEU B 132 -1.68 -16.79 -1.23
C LEU B 132 -1.73 -18.28 -1.52
N VAL B 133 -2.72 -18.69 -2.30
CA VAL B 133 -3.05 -20.09 -2.50
C VAL B 133 -2.11 -20.73 -3.50
N SER B 134 -1.90 -20.04 -4.65
CA SER B 134 -1.16 -20.61 -5.75
C SER B 134 -0.71 -19.53 -6.70
N ASN B 135 0.35 -19.86 -7.44
CA ASN B 135 0.80 -19.07 -8.58
C ASN B 135 0.45 -19.86 -9.84
N ILE B 136 -0.70 -19.55 -10.43
CA ILE B 136 -1.19 -20.25 -11.61
C ILE B 136 -0.28 -20.09 -12.82
N ALA B 137 0.46 -18.96 -12.89
CA ALA B 137 1.43 -18.80 -13.97
C ALA B 137 2.53 -19.84 -13.88
N GLU B 138 3.06 -20.06 -12.67
CA GLU B 138 4.06 -21.06 -12.49
C GLU B 138 3.51 -22.46 -12.75
N LYS B 139 2.30 -22.72 -12.28
CA LYS B 139 1.73 -24.05 -12.46
C LYS B 139 1.48 -24.40 -13.90
N THR B 140 1.00 -23.44 -14.68
CA THR B 140 0.57 -23.66 -16.06
C THR B 140 1.65 -23.34 -17.08
N GLY B 141 2.57 -22.44 -16.75
CA GLY B 141 3.55 -21.91 -17.69
C GLY B 141 3.09 -20.70 -18.50
N LEU B 142 1.92 -20.17 -18.20
CA LEU B 142 1.41 -19.00 -18.90
C LEU B 142 1.52 -17.76 -18.01
N GLY B 143 2.48 -16.88 -18.36
CA GLY B 143 2.66 -15.61 -17.65
C GLY B 143 1.98 -14.53 -18.47
N LEU B 144 0.86 -14.01 -17.97
CA LEU B 144 0.00 -13.09 -18.73
C LEU B 144 -0.34 -11.90 -17.83
N GLY B 145 -0.15 -10.69 -18.34
CA GLY B 145 -0.09 -9.50 -17.49
C GLY B 145 -1.13 -8.41 -17.69
N VAL B 146 -2.11 -8.58 -18.58
CA VAL B 146 -3.13 -7.54 -18.79
C VAL B 146 -4.44 -8.04 -18.16
N HIS B 147 -5.62 -7.89 -18.76
CA HIS B 147 -6.82 -8.02 -17.97
C HIS B 147 -7.13 -9.45 -17.56
N VAL B 148 -7.69 -9.54 -16.35
CA VAL B 148 -8.23 -10.75 -15.73
C VAL B 148 -9.75 -10.60 -15.67
N THR B 149 -10.48 -11.63 -16.15
CA THR B 149 -11.93 -11.61 -16.11
C THR B 149 -12.43 -12.93 -15.61
N ALA B 150 -13.47 -12.87 -14.75
CA ALA B 150 -14.15 -14.09 -14.31
C ALA B 150 -15.14 -14.54 -15.39
N THR B 151 -15.33 -15.85 -15.52
CA THR B 151 -16.40 -16.35 -16.39
C THR B 151 -17.76 -16.08 -15.76
N PRO B 152 -18.83 -16.07 -16.58
CA PRO B 152 -20.16 -15.77 -16.01
C PRO B 152 -20.66 -16.73 -14.95
N ASP B 153 -20.20 -17.99 -15.01
CA ASP B 153 -20.58 -18.94 -13.98
C ASP B 153 -19.72 -18.88 -12.72
N GLY B 154 -18.69 -18.02 -12.73
CA GLY B 154 -17.83 -17.90 -11.57
C GLY B 154 -16.90 -19.07 -11.34
N LYS B 155 -16.74 -19.98 -12.32
CA LYS B 155 -15.95 -21.20 -12.13
C LYS B 155 -14.64 -21.18 -12.91
N GLY B 156 -14.43 -20.15 -13.70
CA GLY B 156 -13.21 -20.04 -14.47
C GLY B 156 -12.83 -18.58 -14.57
N PHE B 157 -11.74 -18.32 -15.29
CA PHE B 157 -11.31 -16.95 -15.53
C PHE B 157 -10.39 -16.90 -16.74
N ALA B 158 -10.30 -15.73 -17.34
CA ALA B 158 -9.39 -15.52 -18.46
C ALA B 158 -8.36 -14.48 -18.07
N VAL B 159 -7.20 -14.59 -18.73
CA VAL B 159 -6.18 -13.53 -18.67
C VAL B 159 -5.67 -13.32 -20.07
N ALA B 160 -5.47 -12.06 -20.43
CA ALA B 160 -4.91 -11.69 -21.72
C ALA B 160 -3.60 -10.92 -21.49
N ASP B 161 -2.76 -10.91 -22.53
CA ASP B 161 -1.50 -10.16 -22.47
C ASP B 161 -1.23 -9.50 -23.82
N GLY B 162 -0.99 -8.20 -23.79
CA GLY B 162 -0.77 -7.39 -24.98
C GLY B 162 0.67 -7.11 -25.33
N GLN B 163 1.61 -7.72 -24.59
CA GLN B 163 3.00 -7.74 -25.04
C GLN B 163 3.28 -9.04 -25.76
N LYS B 164 2.68 -10.14 -25.30
CA LYS B 164 2.86 -11.46 -25.90
C LYS B 164 1.78 -11.79 -26.91
N ASP B 165 0.65 -11.11 -26.83
CA ASP B 165 -0.57 -11.39 -27.62
C ASP B 165 -1.00 -12.84 -27.45
N ILE B 166 -1.11 -13.22 -26.19
CA ILE B 166 -1.67 -14.51 -25.79
C ILE B 166 -2.83 -14.27 -24.86
N PHE B 167 -3.87 -15.10 -24.95
CA PHE B 167 -4.88 -15.17 -23.88
C PHE B 167 -5.15 -16.61 -23.58
N ALA B 168 -5.70 -16.84 -22.40
CA ALA B 168 -6.12 -18.18 -21.97
C ALA B 168 -7.33 -18.09 -21.10
N GLU B 169 -8.16 -19.15 -21.12
CA GLU B 169 -9.20 -19.33 -20.15
C GLU B 169 -8.79 -20.53 -19.28
N PHE B 170 -8.98 -20.37 -17.95
CA PHE B 170 -8.54 -21.30 -16.95
C PHE B 170 -9.73 -21.82 -16.18
N ASP B 171 -9.66 -23.07 -15.73
CA ASP B 171 -10.57 -23.66 -14.77
C ASP B 171 -10.08 -23.36 -13.36
N LEU B 172 -10.92 -22.78 -12.51
CA LEU B 172 -10.45 -22.42 -11.17
C LEU B 172 -10.22 -23.67 -10.33
N ALA B 173 -11.14 -24.64 -10.30
CA ALA B 173 -11.04 -25.76 -9.38
C ALA B 173 -9.75 -26.55 -9.58
N THR B 174 -9.38 -26.74 -10.86
CA THR B 174 -8.24 -27.57 -11.18
C THR B 174 -7.02 -26.74 -11.52
N GLU B 175 -7.15 -25.40 -11.57
CA GLU B 175 -6.04 -24.50 -11.88
C GLU B 175 -5.40 -24.93 -13.20
N SER B 176 -6.24 -25.25 -14.17
CA SER B 176 -5.75 -25.78 -15.44
C SER B 176 -6.18 -24.89 -16.61
N VAL B 177 -5.45 -25.04 -17.72
CA VAL B 177 -5.73 -24.28 -18.93
C VAL B 177 -6.85 -24.96 -19.73
N ARG B 178 -7.92 -24.27 -19.97
CA ARG B 178 -8.98 -24.74 -20.86
C ARG B 178 -8.56 -24.52 -22.31
N THR B 179 -8.01 -23.37 -22.63
CA THR B 179 -7.53 -23.04 -23.95
C THR B 179 -6.53 -21.90 -23.83
N ALA B 180 -5.65 -21.81 -24.81
CA ALA B 180 -4.74 -20.69 -24.94
C ALA B 180 -4.56 -20.44 -26.43
N PHE B 181 -4.49 -19.15 -26.79
CA PHE B 181 -4.32 -18.72 -28.18
C PHE B 181 -3.23 -17.65 -28.25
N LEU B 182 -2.50 -17.68 -29.38
CA LEU B 182 -1.58 -16.63 -29.80
C LEU B 182 -2.18 -15.89 -30.97
N VAL B 183 -2.04 -14.58 -31.00
CA VAL B 183 -2.51 -13.77 -32.12
C VAL B 183 -1.31 -13.01 -32.68
N ASP B 184 -1.19 -12.99 -33.99
CA ASP B 184 -0.04 -12.35 -34.61
C ASP B 184 -0.51 -11.44 -35.74
N TRP B 185 0.26 -10.39 -36.00
CA TRP B 185 0.01 -9.46 -37.10
C TRP B 185 1.08 -9.58 -38.16
N LYS B 186 0.65 -9.71 -39.43
CA LYS B 186 1.53 -9.66 -40.56
C LYS B 186 1.21 -8.40 -41.34
N PRO B 187 1.99 -7.32 -41.23
CA PRO B 187 1.60 -6.06 -41.85
C PRO B 187 1.69 -6.12 -43.36
N ASN B 188 0.79 -5.40 -44.02
CA ASN B 188 0.92 -5.23 -45.47
C ASN B 188 2.14 -4.38 -45.83
N ASN B 189 2.37 -3.36 -45.03
CA ASN B 189 3.48 -2.44 -45.24
C ASN B 189 4.40 -2.64 -44.04
N SER B 190 5.63 -3.05 -44.31
CA SER B 190 6.60 -3.38 -43.28
C SER B 190 7.16 -2.14 -42.55
N ASP B 191 6.94 -0.94 -43.09
CA ASP B 191 7.33 0.29 -42.41
C ASP B 191 6.56 0.43 -41.13
N LEU B 192 7.28 0.68 -40.02
CA LEU B 192 6.63 0.71 -38.73
C LEU B 192 5.49 1.70 -38.66
N LYS B 193 5.66 2.89 -39.26
CA LYS B 193 4.62 3.91 -39.17
C LYS B 193 3.34 3.51 -39.89
N ARG B 194 3.48 2.60 -40.87
CA ARG B 194 2.36 2.18 -41.73
C ARG B 194 1.90 0.76 -41.45
N ALA B 195 2.46 0.11 -40.42
CA ALA B 195 2.26 -1.31 -40.26
C ALA B 195 0.83 -1.71 -39.92
N TRP B 196 0.07 -0.78 -39.32
CA TRP B 196 -1.32 -1.04 -39.05
C TRP B 196 -2.23 -0.26 -39.98
N LEU B 197 -1.95 1.03 -40.24
CA LEU B 197 -2.81 1.83 -41.11
C LEU B 197 -3.08 1.11 -42.44
N GLU B 198 -2.05 0.52 -43.05
CA GLU B 198 -2.24 -0.07 -44.38
C GLU B 198 -2.64 -1.53 -44.33
N GLY B 199 -3.11 -1.97 -43.18
CA GLY B 199 -3.72 -3.27 -43.04
C GLY B 199 -2.74 -4.40 -42.88
N GLY B 200 -3.27 -5.60 -42.89
CA GLY B 200 -2.48 -6.78 -42.65
C GLY B 200 -3.38 -8.00 -42.46
N THR B 201 -2.71 -9.09 -42.07
CA THR B 201 -3.40 -10.34 -41.77
C THR B 201 -3.15 -10.65 -40.30
N MET B 202 -4.23 -10.89 -39.58
CA MET B 202 -4.18 -11.34 -38.21
C MET B 202 -4.33 -12.84 -38.18
N THR B 203 -3.34 -13.56 -37.62
CA THR B 203 -3.39 -14.99 -37.50
C THR B 203 -3.67 -15.34 -36.04
N ILE B 204 -4.59 -16.28 -35.81
CA ILE B 204 -5.00 -16.77 -34.53
C ILE B 204 -4.62 -18.23 -34.48
N THR B 205 -3.81 -18.61 -33.51
CA THR B 205 -3.34 -19.98 -33.42
C THR B 205 -3.68 -20.51 -32.06
N ARG B 206 -4.30 -21.68 -32.01
CA ARG B 206 -4.55 -22.37 -30.75
C ARG B 206 -3.23 -22.98 -30.30
N LEU B 207 -2.79 -22.66 -29.10
CA LEU B 207 -1.52 -23.16 -28.62
C LEU B 207 -1.70 -24.56 -28.05
N LYS B 208 -0.59 -25.28 -28.02
CA LYS B 208 -0.49 -26.53 -27.31
C LYS B 208 0.71 -26.45 -26.37
N PRO B 209 0.66 -27.10 -25.22
CA PRO B 209 1.77 -27.04 -24.29
C PRO B 209 2.99 -27.72 -24.92
N THR B 210 4.17 -27.25 -24.58
CA THR B 210 5.41 -27.77 -25.15
C THR B 210 6.37 -28.36 -24.11
N LEU B 211 5.99 -28.27 -22.83
CA LEU B 211 6.87 -28.78 -21.80
C LEU B 211 6.19 -29.93 -21.06
N PRO B 212 6.98 -30.76 -20.33
CA PRO B 212 6.44 -31.88 -19.57
C PRO B 212 5.35 -31.46 -18.59
N GLY B 213 4.38 -32.36 -18.39
CA GLY B 213 3.26 -32.12 -17.48
C GLY B 213 2.25 -31.16 -18.07
N GLY B 214 2.18 -31.01 -19.41
CA GLY B 214 1.18 -30.16 -20.03
C GLY B 214 1.42 -28.68 -19.76
N LYS B 215 2.67 -28.31 -19.56
CA LYS B 215 2.98 -26.89 -19.30
C LYS B 215 3.37 -26.13 -20.55
N TYR B 216 3.00 -24.84 -20.54
CA TYR B 216 3.40 -23.91 -21.57
C TYR B 216 4.73 -23.31 -21.20
N ASP B 217 5.33 -22.64 -22.20
CA ASP B 217 6.68 -22.10 -22.04
C ASP B 217 6.64 -20.57 -22.22
N TYR B 218 5.86 -19.91 -21.35
CA TYR B 218 5.61 -18.48 -21.45
C TYR B 218 5.68 -17.79 -20.09
N THR B 219 6.57 -18.28 -19.21
CA THR B 219 6.69 -17.59 -17.93
C THR B 219 7.57 -16.33 -18.04
N GLY B 220 7.33 -15.40 -17.14
CA GLY B 220 8.12 -14.20 -17.09
C GLY B 220 8.02 -13.41 -18.36
N THR B 221 9.13 -12.87 -18.85
CA THR B 221 9.10 -12.03 -20.05
C THR B 221 9.13 -12.89 -21.32
N LYS B 222 9.14 -14.24 -21.24
CA LYS B 222 9.21 -15.08 -22.43
C LYS B 222 7.95 -14.91 -23.28
N GLY B 223 8.18 -14.63 -24.56
CA GLY B 223 7.11 -14.38 -25.52
C GLY B 223 6.83 -12.91 -25.80
N CYS B 224 7.44 -11.99 -25.08
CA CYS B 224 7.11 -10.58 -25.31
C CYS B 224 7.59 -10.14 -26.70
N LYS B 225 6.70 -9.47 -27.41
CA LYS B 225 7.01 -8.81 -28.69
C LYS B 225 7.47 -7.38 -28.54
N ILE B 226 6.97 -6.76 -27.47
CA ILE B 226 7.29 -5.40 -27.05
C ILE B 226 7.62 -5.43 -25.56
N ASP B 227 8.40 -4.43 -25.12
CA ASP B 227 8.97 -4.46 -23.77
C ASP B 227 8.06 -3.90 -22.68
N TRP B 228 6.97 -3.28 -23.02
CA TRP B 228 5.99 -2.89 -22.03
C TRP B 228 4.63 -2.88 -22.72
N GLU B 229 3.56 -2.96 -21.92
CA GLU B 229 2.20 -2.81 -22.43
C GLU B 229 2.02 -1.40 -23.01
N LEU B 230 1.38 -1.30 -24.17
CA LEU B 230 1.16 0.04 -24.74
C LEU B 230 0.39 0.90 -23.76
N VAL B 231 0.82 2.15 -23.63
CA VAL B 231 0.18 3.12 -22.77
C VAL B 231 -1.04 3.68 -23.47
N PRO B 232 -1.87 4.51 -22.80
CA PRO B 232 -3.00 5.11 -23.51
C PRO B 232 -2.47 6.03 -24.60
N GLY B 233 -3.01 5.91 -25.82
CA GLY B 233 -2.46 6.65 -26.94
C GLY B 233 -1.15 6.06 -27.47
N GLY B 234 -0.71 4.93 -26.92
CA GLY B 234 0.59 4.39 -27.16
C GLY B 234 0.79 3.69 -28.47
N GLU B 235 -0.29 3.47 -29.23
CA GLU B 235 -0.18 3.02 -30.59
C GLU B 235 0.68 3.99 -31.41
N LEU B 236 0.50 5.29 -31.19
CA LEU B 236 1.29 6.28 -31.92
C LEU B 236 2.74 6.18 -31.55
N PHE B 237 3.04 5.96 -30.26
CA PHE B 237 4.44 5.86 -29.83
C PHE B 237 5.09 4.64 -30.43
N LEU B 238 4.36 3.53 -30.54
CA LEU B 238 4.87 2.35 -31.22
C LEU B 238 5.18 2.64 -32.70
N GLU B 239 4.23 3.29 -33.39
CA GLU B 239 4.43 3.65 -34.80
C GLU B 239 5.64 4.56 -34.98
N GLU B 240 5.94 5.42 -33.99
CA GLU B 240 7.03 6.38 -34.13
CA GLU B 240 7.01 6.42 -34.02
C GLU B 240 8.36 5.84 -33.65
N GLY B 241 8.44 4.54 -33.35
CA GLY B 241 9.70 3.94 -32.99
C GLY B 241 10.15 4.12 -31.54
N LYS B 242 9.19 4.45 -30.66
CA LYS B 242 9.51 4.77 -29.28
C LYS B 242 9.21 3.61 -28.30
N VAL B 243 8.83 2.42 -28.79
CA VAL B 243 8.63 1.27 -27.94
C VAL B 243 9.60 0.19 -28.34
N THR B 244 10.46 -0.26 -27.43
CA THR B 244 11.43 -1.28 -27.76
C THR B 244 10.80 -2.65 -27.72
N GLY B 245 11.45 -3.58 -28.42
CA GLY B 245 11.00 -4.95 -28.47
C GLY B 245 11.42 -5.65 -29.74
N THR B 246 11.33 -6.97 -29.73
CA THR B 246 11.83 -7.77 -30.84
C THR B 246 10.88 -7.98 -31.99
N ARG B 247 9.59 -7.72 -31.82
CA ARG B 247 8.64 -7.98 -32.88
C ARG B 247 7.61 -6.84 -32.93
N GLN B 248 8.10 -5.60 -33.03
CA GLN B 248 7.26 -4.42 -32.94
C GLN B 248 6.17 -4.32 -33.99
N THR B 249 6.41 -4.85 -35.20
CA THR B 249 5.40 -4.80 -36.27
C THR B 249 4.50 -6.02 -36.34
N ASN B 250 4.65 -6.97 -35.40
CA ASN B 250 3.81 -8.15 -35.37
C ASN B 250 2.85 -8.16 -34.18
N VAL B 251 2.85 -7.07 -33.42
CA VAL B 251 1.98 -6.95 -32.24
C VAL B 251 0.57 -6.52 -32.67
N VAL B 252 -0.41 -7.06 -31.95
CA VAL B 252 -1.80 -6.61 -32.02
C VAL B 252 -2.26 -5.97 -30.71
N ALA B 253 -1.53 -6.15 -29.61
CA ALA B 253 -1.89 -5.58 -28.31
C ALA B 253 -3.26 -6.09 -27.84
N LEU B 254 -3.34 -7.42 -27.65
CA LEU B 254 -4.48 -7.99 -26.96
C LEU B 254 -4.65 -7.30 -25.62
N ASP B 255 -5.91 -7.16 -25.21
CA ASP B 255 -6.22 -6.45 -23.98
C ASP B 255 -7.02 -7.30 -23.00
N ALA B 256 -8.17 -7.81 -23.44
CA ALA B 256 -9.07 -8.50 -22.53
C ALA B 256 -9.84 -9.57 -23.26
N PHE B 257 -10.32 -10.53 -22.52
CA PHE B 257 -11.33 -11.50 -23.00
C PHE B 257 -12.55 -11.33 -22.12
N VAL B 258 -13.55 -10.59 -22.66
CA VAL B 258 -14.73 -10.27 -21.92
C VAL B 258 -15.87 -11.19 -22.31
N TYR B 259 -16.79 -11.43 -21.37
CA TYR B 259 -17.77 -12.51 -21.53
C TYR B 259 -19.16 -11.97 -21.81
N ASP B 260 -19.84 -12.67 -22.73
CA ASP B 260 -21.27 -12.50 -22.91
C ASP B 260 -21.92 -13.08 -21.65
N PRO B 261 -22.72 -12.28 -20.91
CA PRO B 261 -23.33 -12.74 -19.67
C PRO B 261 -24.33 -13.89 -19.87
N ARG B 262 -24.77 -14.07 -21.13
CA ARG B 262 -25.67 -15.16 -21.50
C ARG B 262 -24.95 -16.48 -21.70
N GLY B 263 -23.63 -16.48 -21.60
CA GLY B 263 -22.87 -17.68 -21.88
C GLY B 263 -22.40 -17.78 -23.32
N ARG B 264 -21.66 -18.85 -23.59
CA ARG B 264 -21.26 -19.32 -24.91
C ARG B 264 -20.12 -18.53 -25.58
N TRP B 265 -20.19 -17.19 -25.55
CA TRP B 265 -19.28 -16.36 -26.34
C TRP B 265 -18.37 -15.53 -25.42
N GLY B 266 -17.16 -15.29 -25.93
CA GLY B 266 -16.30 -14.27 -25.34
C GLY B 266 -15.74 -13.41 -26.43
N ALA B 267 -15.37 -12.18 -26.09
CA ALA B 267 -14.84 -11.22 -27.04
C ALA B 267 -13.39 -10.88 -26.64
N LEU B 268 -12.46 -11.12 -27.56
CA LEU B 268 -11.04 -10.83 -27.35
C LEU B 268 -10.70 -9.52 -28.03
N SER B 269 -10.39 -8.48 -27.26
CA SER B 269 -10.04 -7.21 -27.84
C SER B 269 -8.59 -7.17 -28.24
N ALA B 270 -8.35 -6.62 -29.45
CA ALA B 270 -7.02 -6.38 -30.02
C ALA B 270 -6.91 -4.90 -30.30
N ARG B 271 -6.12 -4.20 -29.51
CA ARG B 271 -6.11 -2.74 -29.55
C ARG B 271 -5.62 -2.18 -30.86
N LEU B 272 -4.50 -2.68 -31.38
CA LEU B 272 -3.88 -2.07 -32.56
C LEU B 272 -4.76 -2.18 -33.81
N PRO B 273 -5.33 -3.35 -34.13
CA PRO B 273 -6.23 -3.39 -35.29
C PRO B 273 -7.62 -2.89 -35.01
N GLY B 274 -7.95 -2.62 -33.74
CA GLY B 274 -9.29 -2.17 -33.43
C GLY B 274 -10.35 -3.21 -33.72
N VAL B 275 -10.09 -4.44 -33.32
CA VAL B 275 -10.98 -5.59 -33.58
C VAL B 275 -11.28 -6.32 -32.30
N ALA B 276 -12.52 -6.81 -32.17
CA ALA B 276 -12.94 -7.69 -31.11
C ALA B 276 -13.27 -9.02 -31.73
N ILE B 277 -12.47 -10.03 -31.43
CA ILE B 277 -12.66 -11.35 -32.01
C ILE B 277 -13.56 -12.19 -31.13
N ILE B 278 -14.70 -12.61 -31.67
CA ILE B 278 -15.63 -13.39 -30.90
C ILE B 278 -15.24 -14.87 -30.96
N PHE B 279 -15.13 -15.50 -29.80
CA PHE B 279 -14.84 -16.91 -29.70
C PHE B 279 -16.02 -17.68 -29.16
N ASP B 280 -16.19 -18.88 -29.73
CA ASP B 280 -17.10 -19.89 -29.23
C ASP B 280 -16.35 -20.64 -28.10
N ARG B 281 -16.84 -20.49 -26.87
CA ARG B 281 -16.19 -21.08 -25.72
C ARG B 281 -16.42 -22.58 -25.61
N GLN B 282 -17.33 -23.14 -26.43
CA GLN B 282 -17.63 -24.55 -26.37
C GLN B 282 -16.65 -25.30 -27.27
N ASP B 283 -16.51 -24.84 -28.52
CA ASP B 283 -15.56 -25.55 -29.36
C ASP B 283 -14.19 -24.86 -29.48
N TRP B 284 -14.04 -23.72 -28.80
CA TRP B 284 -12.81 -22.97 -28.81
C TRP B 284 -12.33 -22.68 -30.23
N GLU B 285 -13.19 -21.94 -30.96
CA GLU B 285 -12.81 -21.44 -32.27
C GLU B 285 -13.28 -19.99 -32.35
N PRO B 286 -12.52 -19.12 -33.03
CA PRO B 286 -12.99 -17.78 -33.34
C PRO B 286 -14.07 -17.85 -34.40
N VAL B 287 -15.12 -17.03 -34.27
CA VAL B 287 -16.24 -17.12 -35.17
C VAL B 287 -16.48 -15.87 -36.01
N VAL B 288 -16.12 -14.69 -35.56
CA VAL B 288 -16.30 -13.47 -36.31
C VAL B 288 -15.41 -12.41 -35.66
N ALA B 289 -15.08 -11.37 -36.43
CA ALA B 289 -14.26 -10.27 -35.90
C ALA B 289 -15.03 -8.96 -36.04
N LEU B 290 -15.38 -8.35 -34.93
CA LEU B 290 -16.07 -7.07 -34.93
C LEU B 290 -15.03 -5.97 -35.18
N VAL B 291 -15.33 -5.00 -36.06
CA VAL B 291 -14.43 -3.92 -36.41
C VAL B 291 -14.89 -2.64 -35.74
N GLY B 292 -14.07 -2.06 -34.86
CA GLY B 292 -14.56 -0.91 -34.13
C GLY B 292 -14.97 0.31 -34.97
N ALA B 293 -14.14 0.66 -35.95
CA ALA B 293 -14.15 2.01 -36.51
C ALA B 293 -15.51 2.40 -37.11
N LYS B 294 -15.93 3.61 -36.78
CA LYS B 294 -17.07 4.20 -37.46
C LYS B 294 -16.79 4.28 -38.97
N GLY B 295 -17.81 3.89 -39.74
CA GLY B 295 -17.73 3.88 -41.18
C GLY B 295 -17.22 2.56 -41.78
N GLU B 296 -16.65 1.69 -40.96
CA GLU B 296 -16.22 0.37 -41.38
C GLU B 296 -17.33 -0.64 -41.17
N PRO B 297 -17.20 -1.83 -41.78
CA PRO B 297 -18.24 -2.84 -41.58
C PRO B 297 -18.42 -3.21 -40.12
N SER B 298 -19.58 -3.80 -39.82
CA SER B 298 -19.84 -4.31 -38.51
C SER B 298 -18.81 -5.36 -38.11
N SER B 299 -18.46 -6.21 -39.08
CA SER B 299 -17.60 -7.33 -38.80
C SER B 299 -16.88 -7.79 -40.06
N LEU B 300 -15.87 -8.63 -39.86
CA LEU B 300 -15.15 -9.35 -40.88
C LEU B 300 -15.17 -10.84 -40.57
N PRO B 301 -15.11 -11.67 -41.62
CA PRO B 301 -15.12 -13.11 -41.41
C PRO B 301 -13.76 -13.58 -40.88
N VAL B 302 -13.82 -14.72 -40.21
CA VAL B 302 -12.68 -15.46 -39.72
C VAL B 302 -12.60 -16.71 -40.59
N LYS B 303 -11.43 -16.93 -41.20
CA LYS B 303 -11.25 -18.06 -42.10
C LYS B 303 -10.34 -19.08 -41.44
N LYS B 304 -10.78 -20.32 -41.37
CA LYS B 304 -9.94 -21.40 -40.91
C LYS B 304 -8.95 -21.81 -41.98
N VAL B 305 -7.67 -21.79 -41.68
CA VAL B 305 -6.63 -22.10 -42.66
C VAL B 305 -5.82 -23.36 -42.31
N ALA B 306 -5.98 -23.87 -41.09
CA ALA B 306 -5.42 -25.14 -40.67
C ALA B 306 -6.17 -25.59 -39.41
N SER B 307 -5.88 -26.79 -38.89
CA SER B 307 -6.65 -27.31 -37.76
C SER B 307 -6.61 -26.42 -36.51
N ASP B 308 -5.54 -25.65 -36.39
CA ASP B 308 -5.34 -24.82 -35.20
C ASP B 308 -5.14 -23.36 -35.56
N THR B 309 -5.46 -22.97 -36.82
CA THR B 309 -5.08 -21.64 -37.29
C THR B 309 -6.25 -21.00 -38.04
N TRP B 310 -6.52 -19.72 -37.74
CA TRP B 310 -7.51 -18.90 -38.41
C TRP B 310 -6.87 -17.57 -38.83
N GLU B 311 -7.44 -16.92 -39.85
CA GLU B 311 -6.97 -15.63 -40.31
C GLU B 311 -8.12 -14.65 -40.45
N ILE B 312 -7.81 -13.38 -40.20
CA ILE B 312 -8.65 -12.23 -40.51
C ILE B 312 -7.81 -11.30 -41.37
N LYS B 313 -8.37 -10.86 -42.48
CA LYS B 313 -7.72 -9.99 -43.43
CA LYS B 313 -7.67 -9.97 -43.40
C LYS B 313 -8.27 -8.58 -43.36
N MET B 314 -7.39 -7.57 -43.22
CA MET B 314 -7.82 -6.18 -43.17
C MET B 314 -7.06 -5.38 -44.22
N ASP B 315 -7.82 -4.66 -45.06
CA ASP B 315 -7.15 -3.81 -46.03
C ASP B 315 -6.61 -2.53 -45.42
N LYS B 316 -7.12 -2.16 -44.25
CA LYS B 316 -6.68 -0.97 -43.54
C LYS B 316 -7.09 -1.09 -42.09
N VAL B 317 -6.41 -0.34 -41.22
CA VAL B 317 -6.90 -0.16 -39.85
C VAL B 317 -7.17 1.32 -39.67
N VAL B 318 -8.44 1.67 -39.59
CA VAL B 318 -8.80 3.06 -39.50
C VAL B 318 -8.43 3.67 -38.14
N THR B 319 -8.63 2.90 -37.05
CA THR B 319 -8.31 3.42 -35.71
C THR B 319 -8.11 2.26 -34.77
N PRO B 320 -7.25 2.45 -33.73
CA PRO B 320 -7.25 1.52 -32.59
C PRO B 320 -8.52 1.65 -31.80
N ALA B 321 -8.67 0.68 -30.86
CA ALA B 321 -9.78 0.70 -29.93
C ALA B 321 -9.32 0.04 -28.62
N HIS B 322 -10.05 0.19 -27.53
CA HIS B 322 -9.59 -0.39 -26.27
C HIS B 322 -10.75 -0.99 -25.46
N GLN B 323 -11.50 -0.19 -24.66
CA GLN B 323 -12.47 -0.78 -23.80
C GLN B 323 -13.50 -1.55 -24.59
N ALA B 324 -13.90 -2.72 -24.08
CA ALA B 324 -14.83 -3.62 -24.75
C ALA B 324 -15.67 -4.35 -23.72
N GLY B 325 -16.98 -4.48 -23.99
CA GLY B 325 -17.76 -5.27 -23.10
C GLY B 325 -19.23 -5.25 -23.40
N PHE B 326 -19.93 -6.09 -22.66
CA PHE B 326 -21.38 -6.33 -22.84
C PHE B 326 -22.18 -5.63 -21.75
N SER B 327 -23.39 -5.22 -22.13
CA SER B 327 -24.36 -4.80 -21.14
C SER B 327 -24.81 -6.01 -20.33
N PRO B 328 -25.46 -5.78 -19.17
CA PRO B 328 -25.80 -6.91 -18.28
C PRO B 328 -26.71 -7.94 -18.90
N ASP B 329 -27.59 -7.51 -19.81
CA ASP B 329 -28.51 -8.44 -20.47
C ASP B 329 -27.84 -9.12 -21.67
N GLY B 330 -26.61 -8.73 -22.03
CA GLY B 330 -25.95 -9.32 -23.17
C GLY B 330 -26.40 -8.86 -24.54
N LYS B 331 -27.33 -7.92 -24.58
CA LYS B 331 -27.92 -7.53 -25.85
C LYS B 331 -27.18 -6.40 -26.56
N ASN B 332 -26.22 -5.75 -25.89
CA ASN B 332 -25.38 -4.74 -26.48
C ASN B 332 -23.92 -5.12 -26.21
N PHE B 333 -23.08 -4.79 -27.20
CA PHE B 333 -21.61 -4.90 -27.05
C PHE B 333 -21.03 -3.55 -27.45
N LEU B 334 -20.10 -3.08 -26.61
CA LEU B 334 -19.49 -1.77 -26.79
C LEU B 334 -18.00 -1.97 -27.08
N PHE B 335 -17.45 -1.09 -27.92
CA PHE B 335 -16.02 -1.07 -28.18
C PHE B 335 -15.64 0.39 -28.37
N MET B 336 -14.67 0.88 -27.58
CA MET B 336 -14.32 2.29 -27.59
C MET B 336 -13.18 2.52 -28.55
N ASN B 337 -13.46 3.19 -29.69
CA ASN B 337 -12.42 3.64 -30.59
C ASN B 337 -11.66 4.78 -29.94
N GLY B 338 -10.33 4.76 -30.15
CA GLY B 338 -9.49 5.87 -29.67
C GLY B 338 -8.40 6.17 -30.66
N VAL B 339 -7.75 7.33 -30.43
CA VAL B 339 -6.54 7.72 -31.12
C VAL B 339 -6.85 8.39 -32.47
N ARG B 340 -7.43 7.65 -33.40
CA ARG B 340 -7.79 8.23 -34.71
C ARG B 340 -9.26 8.57 -34.81
N GLN B 341 -10.11 7.88 -34.13
CA GLN B 341 -11.47 8.27 -33.81
C GLN B 341 -11.60 8.17 -32.29
N ASN B 342 -12.53 8.89 -31.69
CA ASN B 342 -12.74 8.81 -30.23
C ASN B 342 -14.25 8.73 -30.03
N ASN B 343 -14.74 7.49 -29.87
CA ASN B 343 -16.19 7.31 -29.75
C ASN B 343 -16.45 5.94 -29.11
N ILE B 344 -17.71 5.71 -28.76
CA ILE B 344 -18.18 4.42 -28.27
C ILE B 344 -19.01 3.78 -29.34
N MET B 345 -18.55 2.67 -29.90
CA MET B 345 -19.31 1.92 -30.90
C MET B 345 -20.15 0.86 -30.23
N VAL B 346 -21.42 0.75 -30.67
CA VAL B 346 -22.38 -0.15 -30.06
C VAL B 346 -22.91 -1.11 -31.09
N TRP B 347 -22.91 -2.41 -30.80
CA TRP B 347 -23.51 -3.46 -31.60
C TRP B 347 -24.73 -4.03 -30.91
N ASP B 348 -25.75 -4.35 -31.77
CA ASP B 348 -26.89 -5.15 -31.36
C ASP B 348 -26.45 -6.62 -31.32
N THR B 349 -26.32 -7.18 -30.12
CA THR B 349 -25.95 -8.57 -29.95
C THR B 349 -27.11 -9.39 -29.40
N SER B 350 -28.33 -8.93 -29.69
CA SER B 350 -29.51 -9.60 -29.18
CA SER B 350 -29.57 -9.57 -29.29
C SER B 350 -29.64 -11.03 -29.72
N ASN B 351 -29.06 -11.34 -30.88
CA ASN B 351 -29.13 -12.71 -31.38
C ASN B 351 -28.02 -13.56 -30.74
N HIS B 352 -28.39 -14.25 -29.68
CA HIS B 352 -27.42 -15.06 -28.97
C HIS B 352 -26.97 -16.27 -29.78
N ALA B 353 -27.80 -16.69 -30.75
CA ALA B 353 -27.43 -17.87 -31.48
C ALA B 353 -26.31 -17.69 -32.49
N ASP B 354 -26.08 -16.49 -33.04
CA ASP B 354 -25.22 -16.32 -34.18
C ASP B 354 -24.52 -14.96 -34.17
N PRO B 355 -23.30 -14.91 -33.59
CA PRO B 355 -22.58 -13.64 -33.56
C PRO B 355 -22.20 -13.06 -34.92
N THR B 356 -22.26 -13.87 -36.01
CA THR B 356 -22.02 -13.31 -37.34
C THR B 356 -23.15 -12.36 -37.73
N LYS B 357 -24.25 -12.33 -36.97
CA LYS B 357 -25.30 -11.38 -37.23
C LYS B 357 -25.28 -10.15 -36.36
N TRP B 358 -24.29 -10.03 -35.48
CA TRP B 358 -24.20 -8.86 -34.63
C TRP B 358 -23.81 -7.65 -35.49
N THR B 359 -24.58 -6.57 -35.35
CA THR B 359 -24.48 -5.43 -36.25
C THR B 359 -24.41 -4.13 -35.46
N LYS B 360 -23.67 -3.17 -36.02
CA LYS B 360 -23.56 -1.87 -35.38
C LYS B 360 -24.93 -1.20 -35.33
N LYS B 361 -25.25 -0.58 -34.21
CA LYS B 361 -26.53 0.06 -34.02
C LYS B 361 -26.48 1.50 -33.53
N ALA B 362 -25.36 1.96 -32.92
CA ALA B 362 -25.30 3.32 -32.41
C ALA B 362 -23.83 3.67 -32.23
N VAL B 363 -23.59 4.95 -32.09
CA VAL B 363 -22.25 5.46 -31.75
C VAL B 363 -22.40 6.64 -30.83
N VAL B 364 -21.67 6.66 -29.73
CA VAL B 364 -21.65 7.79 -28.83
C VAL B 364 -20.45 8.66 -29.17
N GLU B 365 -20.70 9.94 -29.45
CA GLU B 365 -19.69 10.92 -29.82
C GLU B 365 -19.89 12.15 -28.96
N ASP B 366 -18.86 13.00 -28.95
CA ASP B 366 -18.98 14.27 -28.26
C ASP B 366 -17.98 15.23 -28.88
N PRO B 367 -18.30 16.55 -28.95
CA PRO B 367 -17.34 17.51 -29.47
C PRO B 367 -16.01 17.55 -28.70
N GLY B 368 -16.07 17.19 -27.43
CA GLY B 368 -14.90 17.17 -26.58
C GLY B 368 -14.11 15.87 -26.61
N TRP B 369 -14.52 14.89 -27.41
CA TRP B 369 -13.85 13.61 -27.53
C TRP B 369 -13.23 13.53 -28.90
N ARG B 370 -11.92 13.80 -28.99
CA ARG B 370 -11.15 13.75 -30.23
C ARG B 370 -9.81 13.11 -29.90
N GLY B 371 -9.24 12.41 -30.86
CA GLY B 371 -7.88 11.94 -30.69
C GLY B 371 -7.74 10.89 -29.62
N SER B 372 -6.56 10.90 -28.96
CA SER B 372 -6.22 9.90 -27.95
C SER B 372 -6.86 10.13 -26.59
N TYR B 373 -7.20 11.38 -26.29
CA TYR B 373 -7.59 11.77 -24.94
C TYR B 373 -8.86 12.57 -25.02
N PRO B 374 -9.88 12.31 -24.19
CA PRO B 374 -9.84 11.30 -23.12
C PRO B 374 -9.80 9.89 -23.68
N ASN B 375 -9.07 9.03 -22.94
CA ASN B 375 -9.02 7.62 -23.25
C ASN B 375 -10.02 6.90 -22.37
N THR B 376 -11.06 6.36 -23.02
CA THR B 376 -12.27 5.87 -22.34
C THR B 376 -12.15 4.42 -21.91
N PHE B 377 -11.08 4.11 -21.12
CA PHE B 377 -10.58 2.76 -21.10
C PHE B 377 -11.11 1.86 -20.00
N HIS B 378 -12.17 2.27 -19.26
CA HIS B 378 -12.87 1.39 -18.31
C HIS B 378 -14.36 1.78 -18.35
N MET B 379 -15.20 0.82 -17.97
CA MET B 379 -16.63 1.13 -17.86
C MET B 379 -17.30 0.20 -16.86
N VAL B 380 -18.50 0.62 -16.43
CA VAL B 380 -19.38 -0.27 -15.66
C VAL B 380 -20.82 0.18 -15.94
N PHE B 381 -21.69 -0.81 -16.14
CA PHE B 381 -23.13 -0.58 -16.31
C PHE B 381 -23.86 -0.65 -14.96
N THR B 382 -24.98 0.09 -14.90
CA THR B 382 -25.91 -0.16 -13.84
C THR B 382 -26.53 -1.54 -14.01
N PRO B 383 -26.93 -2.23 -12.91
CA PRO B 383 -27.54 -3.56 -13.09
C PRO B 383 -28.74 -3.59 -14.03
N ASP B 384 -29.55 -2.54 -14.01
CA ASP B 384 -30.72 -2.47 -14.87
C ASP B 384 -30.37 -2.07 -16.30
N GLY B 385 -29.10 -1.86 -16.63
CA GLY B 385 -28.68 -1.54 -17.98
C GLY B 385 -28.97 -0.15 -18.47
N ARG B 386 -29.56 0.72 -17.63
CA ARG B 386 -29.99 2.02 -18.14
C ARG B 386 -28.82 3.01 -18.37
N LYS B 387 -27.74 2.87 -17.61
CA LYS B 387 -26.63 3.82 -17.76
C LYS B 387 -25.34 3.02 -17.76
N VAL B 388 -24.34 3.62 -18.41
CA VAL B 388 -22.97 3.08 -18.33
C VAL B 388 -22.05 4.24 -17.97
N TYR B 389 -21.17 3.98 -17.01
CA TYR B 389 -20.20 4.94 -16.51
C TYR B 389 -18.87 4.60 -17.19
N VAL B 390 -18.17 5.61 -17.68
CA VAL B 390 -16.97 5.43 -18.52
C VAL B 390 -15.88 6.32 -17.99
N THR B 391 -14.71 5.75 -17.80
CA THR B 391 -13.56 6.54 -17.35
C THR B 391 -13.12 7.51 -18.47
N LEU B 392 -12.72 8.71 -18.04
CA LEU B 392 -12.15 9.73 -18.91
C LEU B 392 -10.70 9.98 -18.46
N TRP B 393 -9.76 9.30 -19.09
CA TRP B 393 -8.34 9.37 -18.70
C TRP B 393 -7.60 10.36 -19.61
N TRP B 394 -6.71 11.14 -18.98
CA TRP B 394 -5.83 12.05 -19.68
C TRP B 394 -4.47 12.00 -19.03
N PRO B 395 -3.41 12.30 -19.77
CA PRO B 395 -2.10 12.57 -19.14
C PRO B 395 -2.14 13.80 -18.27
N SER B 396 -1.20 13.87 -17.34
CA SER B 396 -1.07 15.06 -16.53
C SER B 396 -0.89 16.29 -17.42
N PRO B 397 -1.41 17.47 -17.10
CA PRO B 397 -2.14 17.78 -15.85
C PRO B 397 -3.65 17.90 -16.02
N THR B 398 -4.20 17.37 -17.14
CA THR B 398 -5.61 17.57 -17.39
C THR B 398 -6.44 16.80 -16.36
N PRO B 399 -7.46 17.39 -15.74
CA PRO B 399 -8.30 16.65 -14.81
C PRO B 399 -8.92 15.43 -15.45
N ASN B 400 -8.87 14.29 -14.79
CA ASN B 400 -9.51 13.07 -15.28
C ASN B 400 -10.86 12.92 -14.57
N GLY B 401 -11.72 12.07 -15.15
CA GLY B 401 -13.04 11.99 -14.53
C GLY B 401 -13.83 10.83 -15.04
N ILE B 402 -15.14 10.99 -14.95
CA ILE B 402 -16.12 9.94 -15.25
C ILE B 402 -17.16 10.55 -16.17
N ALA B 403 -17.49 9.85 -17.25
CA ALA B 403 -18.61 10.14 -18.11
C ALA B 403 -19.80 9.26 -17.74
N VAL B 404 -20.99 9.82 -17.84
CA VAL B 404 -22.23 9.09 -17.61
C VAL B 404 -22.97 9.06 -18.95
N VAL B 405 -23.22 7.84 -19.43
CA VAL B 405 -23.82 7.61 -20.72
C VAL B 405 -25.20 6.97 -20.53
N ASP B 406 -26.19 7.49 -21.29
CA ASP B 406 -27.50 6.86 -21.38
C ASP B 406 -27.40 5.62 -22.26
N ALA B 407 -27.58 4.43 -21.68
CA ALA B 407 -27.36 3.16 -22.36
C ALA B 407 -28.65 2.59 -22.94
N ARG B 408 -29.67 3.43 -23.08
CA ARG B 408 -30.87 3.09 -23.84
C ARG B 408 -30.87 3.89 -25.14
N ASN B 409 -30.65 5.20 -25.03
CA ASN B 409 -30.61 6.11 -26.17
C ASN B 409 -29.23 6.34 -26.74
N TRP B 410 -28.20 5.90 -26.02
CA TRP B 410 -26.79 6.00 -26.47
C TRP B 410 -26.38 7.45 -26.70
N LYS B 411 -26.39 8.21 -25.61
CA LYS B 411 -26.01 9.61 -25.62
C LYS B 411 -25.21 9.90 -24.35
N LEU B 412 -24.25 10.82 -24.47
CA LEU B 412 -23.51 11.27 -23.28
C LEU B 412 -24.40 12.20 -22.48
N LEU B 413 -24.56 11.93 -21.16
CA LEU B 413 -25.34 12.76 -20.26
C LEU B 413 -24.54 13.82 -19.50
N LYS B 414 -23.37 13.47 -19.01
CA LYS B 414 -22.68 14.28 -18.05
C LYS B 414 -21.23 13.81 -17.98
N SER B 415 -20.33 14.74 -17.63
CA SER B 415 -18.97 14.37 -17.28
C SER B 415 -18.60 15.03 -15.95
N VAL B 416 -17.90 14.33 -15.06
CA VAL B 416 -17.55 14.82 -13.75
C VAL B 416 -16.05 14.70 -13.57
N ASP B 417 -15.40 15.77 -13.16
CA ASP B 417 -13.96 15.72 -12.90
C ASP B 417 -13.70 15.15 -11.52
N ILE B 418 -12.66 14.33 -11.40
CA ILE B 418 -12.34 13.61 -10.16
C ILE B 418 -10.93 13.98 -9.66
N GLY B 419 -9.91 13.83 -10.51
CA GLY B 419 -8.54 13.88 -10.01
C GLY B 419 -7.60 13.40 -11.10
N PRO B 420 -6.34 13.23 -10.77
CA PRO B 420 -5.37 12.76 -11.74
C PRO B 420 -5.46 11.28 -11.94
N ASP B 421 -5.27 10.84 -13.21
CA ASP B 421 -5.02 9.42 -13.48
C ASP B 421 -6.14 8.51 -13.02
N MET B 422 -7.34 8.71 -13.61
CA MET B 422 -8.51 7.91 -13.27
C MET B 422 -8.44 6.53 -13.90
N HIS B 423 -8.78 5.50 -13.12
CA HIS B 423 -8.81 4.13 -13.59
C HIS B 423 -10.19 3.55 -13.46
N THR B 424 -10.33 2.35 -12.92
CA THR B 424 -11.52 1.50 -13.03
CA THR B 424 -11.51 1.50 -13.04
C THR B 424 -12.68 2.00 -12.21
N LEU B 425 -13.83 1.51 -12.69
CA LEU B 425 -15.12 1.76 -12.09
C LEU B 425 -15.80 0.45 -11.79
N ALA B 426 -16.27 0.28 -10.56
CA ALA B 426 -17.11 -0.81 -10.10
C ALA B 426 -18.42 -0.20 -9.64
N ILE B 427 -19.41 -1.07 -9.37
CA ILE B 427 -20.69 -0.58 -8.86
C ILE B 427 -21.15 -1.52 -7.77
N THR B 428 -21.75 -0.93 -6.74
CA THR B 428 -22.41 -1.74 -5.75
C THR B 428 -23.53 -2.50 -6.41
N TYR B 429 -23.83 -3.72 -5.97
CA TYR B 429 -24.69 -4.57 -6.78
C TYR B 429 -26.18 -4.24 -6.66
N ASP B 430 -26.53 -3.38 -5.71
CA ASP B 430 -27.84 -2.75 -5.67
C ASP B 430 -27.98 -1.57 -6.63
N GLY B 431 -26.92 -1.26 -7.40
CA GLY B 431 -26.92 -0.21 -8.37
C GLY B 431 -26.83 1.20 -7.81
N LYS B 432 -26.60 1.37 -6.51
CA LYS B 432 -26.72 2.69 -5.90
C LYS B 432 -25.46 3.56 -5.99
N TYR B 433 -24.26 2.94 -5.99
CA TYR B 433 -23.02 3.75 -5.93
C TYR B 433 -21.97 3.16 -6.87
N VAL B 434 -21.38 4.04 -7.68
CA VAL B 434 -20.18 3.70 -8.43
C VAL B 434 -19.01 3.96 -7.54
N VAL B 435 -18.02 3.04 -7.56
CA VAL B 435 -16.83 3.11 -6.76
C VAL B 435 -15.68 3.00 -7.75
N GLY B 436 -14.86 4.06 -7.77
CA GLY B 436 -13.73 4.09 -8.71
C GLY B 436 -12.46 4.38 -7.97
N VAL B 437 -11.34 4.29 -8.74
CA VAL B 437 -10.01 4.55 -8.18
C VAL B 437 -9.24 5.46 -9.11
N PHE B 438 -8.43 6.33 -8.53
CA PHE B 438 -7.50 7.16 -9.26
C PHE B 438 -6.15 6.99 -8.61
N SER B 439 -5.08 7.19 -9.38
CA SER B 439 -3.84 6.48 -9.08
C SER B 439 -2.57 7.27 -9.22
N GLY B 440 -2.72 8.60 -9.43
CA GLY B 440 -1.56 9.49 -9.32
C GLY B 440 -0.44 9.29 -10.30
N TYR B 441 -0.66 8.55 -11.40
CA TYR B 441 0.46 8.25 -12.28
C TYR B 441 1.61 7.59 -11.50
N GLN B 442 1.23 6.82 -10.46
CA GLN B 442 2.17 6.10 -9.60
C GLN B 442 3.05 7.06 -8.75
N LYS B 443 2.69 8.33 -8.63
CA LYS B 443 3.55 9.29 -7.92
C LYS B 443 2.84 10.45 -7.26
N THR B 444 1.63 10.83 -7.66
CA THR B 444 0.91 11.93 -7.06
C THR B 444 -0.40 11.42 -6.48
N ALA B 445 -1.41 12.29 -6.46
CA ALA B 445 -2.58 12.01 -5.68
C ALA B 445 -3.37 10.76 -6.17
N SER B 446 -3.83 9.99 -5.18
CA SER B 446 -4.54 8.75 -5.38
C SER B 446 -5.70 8.69 -4.41
N GLY B 447 -6.67 7.84 -4.71
CA GLY B 447 -7.80 7.75 -3.81
C GLY B 447 -8.86 6.80 -4.36
N ILE B 448 -9.83 6.54 -3.50
CA ILE B 448 -11.04 5.85 -3.83
C ILE B 448 -12.17 6.84 -3.91
N VAL B 449 -12.92 6.88 -5.00
CA VAL B 449 -13.97 7.84 -5.20
C VAL B 449 -15.30 7.10 -5.26
N ILE B 450 -16.30 7.68 -4.65
CA ILE B 450 -17.63 7.08 -4.62
C ILE B 450 -18.64 8.07 -5.14
N MET B 451 -19.48 7.63 -6.06
CA MET B 451 -20.47 8.44 -6.78
C MET B 451 -21.87 7.85 -6.62
N ASP B 452 -22.82 8.70 -6.23
CA ASP B 452 -24.22 8.31 -6.17
C ASP B 452 -24.81 8.24 -7.57
N THR B 453 -25.41 7.11 -7.95
CA THR B 453 -25.90 6.94 -9.28
C THR B 453 -27.22 7.63 -9.58
N LYS B 454 -27.94 8.07 -8.53
CA LYS B 454 -29.17 8.81 -8.75
C LYS B 454 -28.84 10.26 -9.17
N SER B 455 -28.01 10.94 -8.41
CA SER B 455 -27.65 12.33 -8.66
C SER B 455 -26.46 12.45 -9.60
N ASP B 456 -25.68 11.36 -9.79
CA ASP B 456 -24.41 11.42 -10.50
C ASP B 456 -23.50 12.48 -9.91
N GLU B 457 -23.40 12.49 -8.59
CA GLU B 457 -22.48 13.33 -7.85
C GLU B 457 -21.55 12.51 -7.01
N VAL B 458 -20.32 12.95 -6.90
CA VAL B 458 -19.36 12.36 -5.98
C VAL B 458 -19.82 12.62 -4.55
N VAL B 459 -19.88 11.58 -3.77
CA VAL B 459 -20.19 11.72 -2.35
C VAL B 459 -18.97 11.76 -1.48
N GLY B 460 -17.83 11.19 -1.93
CA GLY B 460 -16.63 11.36 -1.15
C GLY B 460 -15.44 10.65 -1.79
N ILE B 461 -14.28 11.00 -1.28
CA ILE B 461 -13.03 10.36 -1.55
C ILE B 461 -12.48 9.81 -0.27
N LEU B 462 -11.98 8.56 -0.31
CA LEU B 462 -11.27 7.91 0.77
C LEU B 462 -9.81 7.76 0.38
N PRO B 463 -8.90 7.80 1.34
CA PRO B 463 -7.48 7.67 1.04
C PRO B 463 -7.18 6.29 0.50
N SER B 464 -6.11 6.26 -0.31
CA SER B 464 -5.72 5.00 -0.91
C SER B 464 -4.24 5.01 -1.24
N VAL B 465 -3.43 4.18 -0.58
CA VAL B 465 -2.04 3.98 -0.96
C VAL B 465 -2.07 2.93 -2.03
N GLY B 466 -2.17 3.40 -3.26
CA GLY B 466 -2.33 2.51 -4.37
C GLY B 466 -2.17 3.25 -5.70
N GLY B 467 -1.65 2.50 -6.64
CA GLY B 467 -1.56 2.89 -8.02
C GLY B 467 -2.55 2.12 -8.92
N HIS B 468 -3.52 1.48 -8.28
CA HIS B 468 -4.54 0.63 -8.87
C HIS B 468 -4.95 1.01 -10.30
N HIS B 469 -4.85 0.00 -11.15
CA HIS B 469 -5.46 -0.01 -12.47
C HIS B 469 -6.65 -0.97 -12.53
N ASP B 470 -7.16 -1.44 -11.38
CA ASP B 470 -8.36 -2.26 -11.32
C ASP B 470 -9.03 -1.99 -9.99
N CYS B 471 -10.24 -2.56 -9.89
CA CYS B 471 -10.98 -2.62 -8.64
C CYS B 471 -12.20 -3.46 -8.88
N VAL B 472 -12.64 -4.17 -7.85
CA VAL B 472 -13.84 -4.97 -7.89
C VAL B 472 -14.54 -4.85 -6.55
N ILE B 473 -15.87 -5.01 -6.61
CA ILE B 473 -16.67 -5.23 -5.42
C ILE B 473 -16.91 -6.71 -5.31
N VAL B 474 -16.62 -7.35 -4.18
CA VAL B 474 -16.71 -8.79 -4.12
C VAL B 474 -18.17 -9.21 -4.33
N PRO B 475 -18.47 -10.05 -5.33
CA PRO B 475 -19.85 -10.42 -5.64
C PRO B 475 -20.36 -11.56 -4.78
N LYS B 476 -21.70 -11.62 -4.63
CA LYS B 476 -22.34 -12.70 -3.93
C LYS B 476 -22.92 -13.74 -4.87
N THR B 477 -23.35 -13.31 -6.06
CA THR B 477 -24.08 -14.17 -6.98
C THR B 477 -23.51 -14.11 -8.38
N VAL B 478 -23.89 -15.08 -9.24
CA VAL B 478 -23.48 -15.00 -10.63
C VAL B 478 -24.17 -13.80 -11.30
N GLU B 479 -25.38 -13.43 -10.88
CA GLU B 479 -25.98 -12.24 -11.44
C GLU B 479 -25.13 -11.00 -11.17
N ASP B 480 -24.49 -10.91 -10.01
CA ASP B 480 -23.62 -9.76 -9.72
C ASP B 480 -22.48 -9.66 -10.75
N LEU B 481 -21.98 -10.81 -11.26
CA LEU B 481 -20.89 -10.76 -12.21
C LEU B 481 -21.24 -10.04 -13.48
N ARG B 482 -22.55 -9.89 -13.78
CA ARG B 482 -22.93 -9.17 -14.98
C ARG B 482 -22.51 -7.69 -14.96
N CYS B 483 -22.26 -7.15 -13.75
CA CYS B 483 -21.75 -5.80 -13.59
C CYS B 483 -20.42 -5.77 -12.81
N SER B 484 -19.64 -6.85 -12.97
CA SER B 484 -18.31 -6.92 -12.36
C SER B 484 -17.26 -7.23 -13.45
N ARG B 485 -16.11 -7.71 -13.02
CA ARG B 485 -14.96 -7.88 -13.91
C ARG B 485 -15.09 -9.24 -14.60
N CYS B 486 -15.99 -9.22 -15.59
CA CYS B 486 -16.50 -10.37 -16.30
C CYS B 486 -16.97 -9.91 -17.69
N THR B 487 -17.95 -9.00 -17.68
CA THR B 487 -18.57 -8.48 -18.89
C THR B 487 -17.84 -7.24 -19.43
N THR B 488 -17.07 -6.52 -18.61
CA THR B 488 -16.39 -5.31 -19.02
C THR B 488 -15.08 -5.27 -18.21
N THR B 489 -14.19 -4.36 -18.62
CA THR B 489 -12.98 -4.10 -17.83
C THR B 489 -12.87 -2.63 -17.36
C1 GOL C . 17.29 -1.09 40.13
O1 GOL C . 16.23 -1.91 39.66
C2 GOL C . 18.41 -1.94 40.71
O2 GOL C . 18.88 -2.84 39.69
C3 GOL C . 19.59 -1.17 41.24
O3 GOL C . 20.64 -1.98 41.73
H11 GOL C . 16.96 -0.49 40.83
H12 GOL C . 17.65 -0.54 39.39
H2 GOL C . 18.04 -2.48 41.45
H31 GOL C . 19.27 -0.58 41.97
H32 GOL C . 19.94 -0.60 40.51
HO3 GOL C . 20.47 -2.17 42.54
C TOU D . 7.83 0.16 17.94
S TOU D . 6.46 -0.56 17.26
N1 TOU D . 9.00 0.02 17.25
N2 TOU D . 7.82 0.87 19.08
CU CU E . 9.36 1.66 20.33
CU CU F . 7.80 -2.01 14.32
CU CU F . 7.75 -1.37 15.34
CU CU G . 4.33 0.53 17.55
CU CU G . 3.72 0.63 17.83
CU CU H . -34.37 1.82 6.99
CU CU I . 8.45 2.88 20.28
C1 GOL J . -12.03 -2.99 -42.27
O1 GOL J . -11.68 -1.75 -41.65
C2 GOL J . -11.14 -3.32 -43.46
O2 GOL J . -9.81 -3.42 -43.02
C3 GOL J . -11.49 -4.61 -44.14
O3 GOL J . -10.68 -4.81 -45.29
H11 GOL J . -12.97 -2.95 -42.56
H12 GOL J . -11.95 -3.71 -41.60
HO1 GOL J . -12.27 -1.60 -40.89
H2 GOL J . -11.21 -2.58 -44.12
HO2 GOL J . -9.59 -4.13 -43.19
H31 GOL J . -12.44 -4.59 -44.40
H32 GOL J . -11.35 -5.35 -43.50
HO3 GOL J . -11.03 -4.38 -45.93
CU CU K . -7.65 -2.52 -21.01
CU CU L . -1.80 -0.99 -15.61
CU CU M . -7.15 1.96 -15.68
CU CU M . -6.81 1.82 -16.13
CU CU N . -2.67 -1.01 -16.13
#